data_6Q2Q
#
_entry.id   6Q2Q
#
_cell.length_a   36.455
_cell.length_b   141.265
_cell.length_c   143.488
_cell.angle_alpha   90.000
_cell.angle_beta   90.000
_cell.angle_gamma   90.000
#
_symmetry.space_group_name_H-M   'P 21 21 21'
#
loop_
_entity.id
_entity.type
_entity.pdbx_description
1 polymer 'Radical S-adenosyl methionine domain-containing protein 2'
2 non-polymer 'IRON/SULFUR CLUSTER'
3 non-polymer S-ADENOSYL-L-HOMOCYSTEINE
4 non-polymer 'CHLORIDE ION'
5 non-polymer "URIDINE 5'-TRIPHOSPHATE"
6 non-polymer 2-[3-(2-HYDROXY-1,1-DIHYDROXYMETHYL-ETHYLAMINO)-PROPYLAMINO]-2-HYDROXYMETHYL-PROPANE-1,3-DIOL
7 water water
#
_entity_poly.entity_id   1
_entity_poly.type   'polypeptide(L)'
_entity_poly.pdbx_seq_one_letter_code
;GKEQPQVRGELEETQETQEDGNSTQRTTPVSVNYHFTRQCNYKCGFCFHTAKTSFVLPLEEAKRGLLLLKQAGLEKINFS
GGEPFLQDRGEYLGKLVRFCKEELALPSVSIVSNGSLIRERWFKDYGEYLDILAISCDSFDEQVNALIGRGQGKKNHVEN
LQKLRRWCRDYKVAFKINSVINRFNVDEDMNEHIKALSPVRWKVFQCLLIEGENSGADALRAAERFLISNEEFETFLERH
KEVSCLVPESNQKMKDSYLILDEYMRFLNCTGGRKDPSKSILDVGVEEAIKFSGFDEKMFLKRGGKYVWSKADLKLDW
;
_entity_poly.pdbx_strand_id   A,B
#
loop_
_chem_comp.id
_chem_comp.type
_chem_comp.name
_chem_comp.formula
B3P non-polymer 2-[3-(2-HYDROXY-1,1-DIHYDROXYMETHYL-ETHYLAMINO)-PROPYLAMINO]-2-HYDROXYMETHYL-PROPANE-1,3-DIOL 'C11 H26 N2 O6'
CL non-polymer 'CHLORIDE ION' 'Cl -1'
SF4 non-polymer 'IRON/SULFUR CLUSTER' 'Fe4 S4'
UTP non-polymer 'URIDINE 5'-TRIPHOSPHATE' 'C9 H15 N2 O15 P3'
#
# COMPACT_ATOMS: atom_id res chain seq x y z
N THR A 27 -10.24 17.94 -14.68
CA THR A 27 -9.35 18.34 -13.60
C THR A 27 -8.57 19.62 -13.93
N THR A 28 -8.83 20.68 -13.18
CA THR A 28 -8.01 21.88 -13.31
C THR A 28 -6.79 21.75 -12.42
N PRO A 29 -5.59 21.94 -12.95
CA PRO A 29 -4.37 21.79 -12.12
C PRO A 29 -4.10 23.00 -11.22
N VAL A 30 -4.87 23.12 -10.13
CA VAL A 30 -4.82 24.35 -9.33
C VAL A 30 -3.50 24.44 -8.57
N SER A 31 -3.09 23.36 -7.93
CA SER A 31 -1.88 23.33 -7.09
C SER A 31 -1.09 22.09 -7.48
N VAL A 32 0.13 22.29 -7.99
CA VAL A 32 0.91 21.22 -8.61
C VAL A 32 2.29 21.17 -8.00
N ASN A 33 2.79 19.96 -7.78
CA ASN A 33 4.15 19.72 -7.33
C ASN A 33 5.01 19.30 -8.51
N TYR A 34 6.11 20.00 -8.70
CA TYR A 34 7.03 19.66 -9.78
C TYR A 34 8.33 19.16 -9.15
N HIS A 35 8.53 17.84 -9.22
CA HIS A 35 9.76 17.20 -8.72
C HIS A 35 10.76 17.19 -9.88
N PHE A 36 11.47 18.31 -10.04
CA PHE A 36 12.24 18.51 -11.27
C PHE A 36 13.55 17.72 -11.30
N THR A 37 14.00 17.24 -10.15
CA THR A 37 15.17 16.39 -10.07
C THR A 37 14.87 15.25 -9.13
N ARG A 38 15.51 14.12 -9.35
CA ARG A 38 15.49 13.05 -8.36
C ARG A 38 16.81 12.89 -7.63
N GLN A 39 17.80 13.75 -7.91
CA GLN A 39 19.03 13.74 -7.13
C GLN A 39 18.77 14.17 -5.69
N CYS A 40 19.48 13.56 -4.74
CA CYS A 40 19.40 14.06 -3.37
C CYS A 40 20.73 13.79 -2.67
N ASN A 41 21.02 14.60 -1.65
CA ASN A 41 22.24 14.45 -0.87
C ASN A 41 22.00 13.81 0.50
N TYR A 42 20.75 13.55 0.87
CA TYR A 42 20.41 12.82 2.10
C TYR A 42 20.03 11.38 1.75
N LYS A 43 19.79 10.57 2.77
CA LYS A 43 19.40 9.19 2.48
C LYS A 43 18.34 8.71 3.46
N CYS A 44 17.32 9.53 3.67
CA CYS A 44 16.22 9.18 4.56
C CYS A 44 15.69 7.80 4.21
N GLY A 45 15.58 6.94 5.23
CA GLY A 45 15.28 5.55 4.96
C GLY A 45 13.90 5.29 4.39
N PHE A 46 12.96 6.21 4.60
CA PHE A 46 11.59 6.04 4.10
C PHE A 46 11.34 6.75 2.78
N CYS A 47 12.34 7.41 2.19
CA CYS A 47 12.12 8.34 1.08
C CYS A 47 11.20 7.75 0.00
N PHE A 48 10.10 8.46 -0.31
CA PHE A 48 9.19 7.95 -1.32
C PHE A 48 9.36 8.64 -2.69
N HIS A 49 10.46 9.40 -2.91
CA HIS A 49 10.74 9.97 -4.22
C HIS A 49 12.26 9.88 -4.47
N THR A 50 12.68 8.70 -4.90
CA THR A 50 14.06 8.24 -4.85
C THR A 50 14.82 8.58 -6.13
N ALA A 51 16.13 8.37 -6.09
CA ALA A 51 17.04 8.84 -7.14
C ALA A 51 17.08 7.85 -8.31
N LYS A 52 15.94 7.70 -8.98
CA LYS A 52 15.84 6.69 -10.01
C LYS A 52 16.45 7.13 -11.33
N THR A 53 16.59 8.43 -11.58
CA THR A 53 17.19 8.92 -12.81
C THR A 53 18.02 10.14 -12.48
N SER A 54 18.87 10.54 -13.43
CA SER A 54 19.60 11.80 -13.35
C SER A 54 19.08 12.81 -14.38
N PHE A 55 17.86 12.61 -14.86
CA PHE A 55 17.30 13.52 -15.85
C PHE A 55 16.72 14.76 -15.20
N VAL A 56 17.03 15.92 -15.78
CA VAL A 56 16.43 17.20 -15.43
C VAL A 56 16.15 17.93 -16.74
N LEU A 57 14.97 18.50 -16.87
CA LEU A 57 14.65 19.24 -18.08
C LEU A 57 15.61 20.42 -18.25
N PRO A 58 15.99 20.75 -19.48
CA PRO A 58 16.54 22.08 -19.74
C PRO A 58 15.63 23.16 -19.18
N LEU A 59 16.24 24.22 -18.64
CA LEU A 59 15.49 25.31 -18.03
C LEU A 59 14.39 25.84 -18.96
N GLU A 60 14.71 26.02 -20.24
CA GLU A 60 13.72 26.54 -21.20
C GLU A 60 12.54 25.60 -21.35
N GLU A 61 12.78 24.29 -21.31
CA GLU A 61 11.67 23.35 -21.41
C GLU A 61 10.82 23.33 -20.15
N ALA A 62 11.47 23.39 -18.98
CA ALA A 62 10.70 23.51 -17.74
C ALA A 62 9.80 24.74 -17.78
N LYS A 63 10.36 25.88 -18.21
CA LYS A 63 9.55 27.10 -18.33
C LYS A 63 8.39 26.92 -19.30
N ARG A 64 8.62 26.24 -20.42
CA ARG A 64 7.52 25.99 -21.36
C ARG A 64 6.42 25.17 -20.70
N GLY A 65 6.79 24.14 -19.93
CA GLY A 65 5.76 23.33 -19.27
C GLY A 65 5.01 24.11 -18.20
N LEU A 66 5.71 24.97 -17.47
CA LEU A 66 5.05 25.79 -16.47
C LEU A 66 4.08 26.76 -17.12
N LEU A 67 4.45 27.31 -18.27
CA LEU A 67 3.53 28.17 -19.01
C LEU A 67 2.28 27.39 -19.41
N LEU A 68 2.45 26.14 -19.84
CA LEU A 68 1.29 25.31 -20.17
C LEU A 68 0.40 25.10 -18.95
N LEU A 69 1.01 24.91 -17.78
CA LEU A 69 0.21 24.75 -16.57
C LEU A 69 -0.54 26.03 -16.22
N LYS A 70 0.13 27.19 -16.29
CA LYS A 70 -0.56 28.45 -16.06
C LYS A 70 -1.78 28.62 -16.97
N GLN A 71 -1.62 28.29 -18.26
CA GLN A 71 -2.74 28.43 -19.19
C GLN A 71 -3.86 27.46 -18.88
N ALA A 72 -3.56 26.34 -18.25
CA ALA A 72 -4.60 25.41 -17.84
C ALA A 72 -5.19 25.75 -16.47
N GLY A 73 -4.69 26.79 -15.78
CA GLY A 73 -5.33 27.22 -14.54
C GLY A 73 -4.50 27.10 -13.27
N LEU A 74 -3.20 26.88 -13.41
CA LEU A 74 -2.33 26.76 -12.23
C LEU A 74 -2.42 28.02 -11.38
N GLU A 75 -2.53 27.83 -10.07
CA GLU A 75 -2.40 28.92 -9.10
C GLU A 75 -1.21 28.76 -8.18
N LYS A 76 -0.87 27.54 -7.80
CA LYS A 76 0.23 27.31 -6.88
C LYS A 76 1.15 26.25 -7.46
N ILE A 77 2.45 26.55 -7.49
CA ILE A 77 3.47 25.58 -7.88
C ILE A 77 4.37 25.34 -6.66
N ASN A 78 4.69 24.08 -6.41
CA ASN A 78 5.63 23.73 -5.36
C ASN A 78 6.77 22.98 -6.03
N PHE A 79 7.99 23.47 -5.85
CA PHE A 79 9.17 22.79 -6.37
C PHE A 79 9.69 21.79 -5.36
N SER A 80 10.02 20.59 -5.81
CA SER A 80 10.36 19.49 -4.92
C SER A 80 11.34 18.58 -5.66
N GLY A 81 11.58 17.40 -5.09
CA GLY A 81 12.47 16.42 -5.71
C GLY A 81 12.39 15.11 -4.96
N GLY A 82 13.53 14.46 -4.71
CA GLY A 82 14.86 15.00 -4.90
C GLY A 82 15.09 16.17 -3.98
N GLU A 83 16.30 16.74 -4.01
CA GLU A 83 16.58 17.96 -3.26
C GLU A 83 16.67 19.12 -4.24
N PRO A 84 15.69 20.02 -4.28
CA PRO A 84 15.64 20.98 -5.38
C PRO A 84 16.81 21.95 -5.40
N PHE A 85 17.48 22.21 -4.27
CA PHE A 85 18.59 23.15 -4.29
C PHE A 85 19.85 22.57 -4.91
N LEU A 86 19.85 21.28 -5.26
CA LEU A 86 21.06 20.70 -5.85
C LEU A 86 21.35 21.22 -7.26
N GLN A 87 20.32 21.43 -8.08
CA GLN A 87 20.54 21.61 -9.51
C GLN A 87 21.20 22.95 -9.79
N ASP A 88 22.36 22.92 -10.46
CA ASP A 88 23.11 24.11 -10.83
C ASP A 88 23.34 24.99 -9.61
N ARG A 89 23.65 24.34 -8.48
CA ARG A 89 23.99 25.01 -7.22
C ARG A 89 22.91 26.01 -6.78
N GLY A 90 21.65 25.64 -7.00
CA GLY A 90 20.52 26.45 -6.58
C GLY A 90 19.99 27.43 -7.60
N GLU A 91 20.76 27.70 -8.67
CA GLU A 91 20.35 28.72 -9.64
C GLU A 91 19.22 28.23 -10.54
N TYR A 92 19.15 26.92 -10.82
CA TYR A 92 18.04 26.40 -11.59
C TYR A 92 16.71 26.65 -10.88
N LEU A 93 16.67 26.32 -9.60
CA LEU A 93 15.47 26.55 -8.80
C LEU A 93 15.17 28.04 -8.68
N GLY A 94 16.18 28.86 -8.41
CA GLY A 94 15.93 30.29 -8.29
C GLY A 94 15.33 30.86 -9.56
N LYS A 95 15.89 30.49 -10.71
CA LYS A 95 15.39 31.01 -11.97
C LYS A 95 13.94 30.61 -12.20
N LEU A 96 13.59 29.36 -11.86
CA LEU A 96 12.19 28.92 -12.02
C LEU A 96 11.27 29.66 -11.05
N VAL A 97 11.73 29.89 -9.82
CA VAL A 97 10.94 30.63 -8.85
C VAL A 97 10.65 32.04 -9.36
N ARG A 98 11.70 32.73 -9.84
CA ARG A 98 11.49 34.08 -10.35
C ARG A 98 10.61 34.10 -11.59
N PHE A 99 10.76 33.09 -12.45
CA PHE A 99 9.96 33.01 -13.67
C PHE A 99 8.47 32.85 -13.34
N CYS A 100 8.17 31.95 -12.40
CA CYS A 100 6.78 31.72 -12.03
C CYS A 100 6.16 32.95 -11.40
N LYS A 101 6.92 33.66 -10.56
CA LYS A 101 6.34 34.79 -9.84
C LYS A 101 6.21 36.01 -10.74
N GLU A 102 7.27 36.35 -11.47
CA GLU A 102 7.33 37.60 -12.23
C GLU A 102 6.78 37.45 -13.64
N GLU A 103 7.10 36.36 -14.33
CA GLU A 103 6.63 36.21 -15.69
C GLU A 103 5.28 35.54 -15.78
N LEU A 104 5.03 34.51 -14.97
CA LEU A 104 3.70 33.90 -15.00
C LEU A 104 2.70 34.57 -14.06
N ALA A 105 3.19 35.34 -13.08
CA ALA A 105 2.34 35.99 -12.07
C ALA A 105 1.54 34.97 -11.27
N LEU A 106 2.16 33.83 -10.97
CA LEU A 106 1.49 32.82 -10.16
C LEU A 106 1.15 33.35 -8.76
N PRO A 107 -0.07 33.11 -8.26
CA PRO A 107 -0.39 33.53 -6.88
C PRO A 107 0.55 32.95 -5.83
N SER A 108 1.05 31.73 -6.02
CA SER A 108 1.86 31.09 -4.99
C SER A 108 2.98 30.27 -5.61
N VAL A 109 4.19 30.50 -5.12
CA VAL A 109 5.38 29.74 -5.49
C VAL A 109 5.98 29.24 -4.18
N SER A 110 6.10 27.92 -4.04
CA SER A 110 6.67 27.35 -2.82
C SER A 110 7.74 26.31 -3.18
N ILE A 111 8.52 25.95 -2.17
CA ILE A 111 9.57 24.94 -2.24
C ILE A 111 9.41 24.01 -1.05
N VAL A 112 9.67 22.72 -1.24
CA VAL A 112 9.94 21.80 -0.14
C VAL A 112 11.39 21.34 -0.26
N SER A 113 12.19 21.53 0.79
CA SER A 113 13.63 21.29 0.74
C SER A 113 14.11 20.66 2.03
N ASN A 114 15.21 19.91 1.96
CA ASN A 114 15.78 19.41 3.21
C ASN A 114 16.62 20.47 3.92
N GLY A 115 16.81 21.65 3.32
CA GLY A 115 17.46 22.76 3.98
C GLY A 115 18.97 22.68 4.07
N SER A 116 19.60 21.65 3.50
CA SER A 116 21.03 21.46 3.73
C SER A 116 21.90 22.39 2.88
N LEU A 117 21.37 22.95 1.79
CA LEU A 117 22.18 23.67 0.82
C LEU A 117 21.71 25.10 0.59
N ILE A 118 20.90 25.65 1.48
CA ILE A 118 20.30 26.95 1.25
C ILE A 118 21.21 28.02 1.85
N ARG A 119 21.69 28.93 0.99
N ARG A 119 21.69 28.93 1.01
CA ARG A 119 22.60 29.99 1.38
CA ARG A 119 22.58 29.98 1.46
C ARG A 119 21.85 31.32 1.43
C ARG A 119 21.86 31.31 1.42
N GLU A 120 22.36 32.24 2.24
CA GLU A 120 21.73 33.55 2.32
C GLU A 120 21.76 34.27 0.98
N ARG A 121 22.81 34.05 0.18
N ARG A 121 22.81 34.04 0.18
CA ARG A 121 22.88 34.67 -1.14
CA ARG A 121 22.89 34.64 -1.14
C ARG A 121 21.68 34.30 -2.01
C ARG A 121 21.67 34.29 -1.99
N TRP A 122 21.15 33.07 -1.84
CA TRP A 122 19.95 32.69 -2.57
C TRP A 122 18.74 33.52 -2.14
N PHE A 123 18.58 33.76 -0.83
CA PHE A 123 17.49 34.64 -0.39
C PHE A 123 17.65 36.03 -1.00
N LYS A 124 18.89 36.51 -1.09
CA LYS A 124 19.13 37.84 -1.64
C LYS A 124 18.72 37.91 -3.10
N ASP A 125 19.05 36.87 -3.86
CA ASP A 125 18.80 36.86 -5.30
C ASP A 125 17.34 36.51 -5.63
N TYR A 126 16.74 35.59 -4.87
CA TYR A 126 15.45 35.03 -5.28
C TYR A 126 14.34 35.11 -4.22
N GLY A 127 14.65 35.52 -2.99
CA GLY A 127 13.64 35.42 -1.93
C GLY A 127 12.44 36.30 -2.16
N GLU A 128 12.63 37.47 -2.80
CA GLU A 128 11.51 38.33 -3.16
C GLU A 128 10.39 37.56 -3.85
N TYR A 129 10.75 36.59 -4.68
CA TYR A 129 9.83 35.90 -5.57
C TYR A 129 9.23 34.64 -4.97
N LEU A 130 9.64 34.26 -3.76
CA LEU A 130 9.20 33.01 -3.16
C LEU A 130 8.16 33.29 -2.08
N ASP A 131 7.00 32.65 -2.19
CA ASP A 131 5.97 32.85 -1.16
C ASP A 131 6.28 32.05 0.09
N ILE A 132 6.62 30.76 -0.06
CA ILE A 132 6.69 29.83 1.06
C ILE A 132 7.91 28.93 0.89
N LEU A 133 8.75 28.85 1.94
CA LEU A 133 9.84 27.88 2.02
C LEU A 133 9.48 26.84 3.08
N ALA A 134 9.27 25.59 2.66
CA ALA A 134 9.08 24.48 3.59
C ALA A 134 10.40 23.75 3.79
N ILE A 135 10.81 23.56 5.04
CA ILE A 135 11.97 22.74 5.36
C ILE A 135 11.47 21.46 6.02
N SER A 136 12.00 20.32 5.59
CA SER A 136 11.63 19.06 6.22
C SER A 136 12.44 18.86 7.49
N CYS A 137 11.74 18.61 8.59
CA CYS A 137 12.39 18.36 9.88
C CYS A 137 11.57 17.28 10.57
N ASP A 138 12.16 16.09 10.71
CA ASP A 138 11.45 14.96 11.28
C ASP A 138 11.70 14.77 12.77
N SER A 139 12.76 15.38 13.29
CA SER A 139 13.11 15.24 14.69
C SER A 139 14.00 16.42 15.08
N PHE A 140 13.92 16.80 16.36
CA PHE A 140 14.87 17.74 16.92
C PHE A 140 15.94 17.04 17.73
N ASP A 141 16.01 15.70 17.62
CA ASP A 141 16.98 14.85 18.30
C ASP A 141 17.98 14.37 17.26
N GLU A 142 19.27 14.60 17.51
CA GLU A 142 20.30 14.24 16.53
C GLU A 142 20.38 12.74 16.30
N GLN A 143 20.24 11.94 17.37
CA GLN A 143 20.32 10.49 17.23
C GLN A 143 19.19 9.95 16.36
N VAL A 144 18.01 10.56 16.43
CA VAL A 144 16.89 10.11 15.61
C VAL A 144 17.13 10.46 14.15
N ASN A 145 17.65 11.66 13.87
CA ASN A 145 17.92 12.02 12.48
C ASN A 145 18.98 11.12 11.88
N ALA A 146 19.96 10.70 12.69
CA ALA A 146 20.94 9.73 12.22
C ALA A 146 20.29 8.39 11.91
N LEU A 147 19.39 7.93 12.78
CA LEU A 147 18.66 6.68 12.50
C LEU A 147 17.81 6.81 11.24
N ILE A 148 17.26 7.99 10.98
CA ILE A 148 16.43 8.19 9.79
C ILE A 148 17.30 8.31 8.55
N GLY A 149 18.44 8.97 8.67
CA GLY A 149 19.27 9.26 7.53
C GLY A 149 19.22 10.69 7.03
N ARG A 150 18.72 11.63 7.85
CA ARG A 150 18.68 13.04 7.48
C ARG A 150 20.04 13.65 7.76
N GLY A 151 20.89 13.66 6.74
CA GLY A 151 22.20 14.23 6.89
C GLY A 151 23.14 13.33 7.67
N GLN A 152 24.37 13.81 7.83
CA GLN A 152 25.42 13.03 8.47
C GLN A 152 25.81 13.57 9.84
N GLY A 153 25.04 14.49 10.40
CA GLY A 153 25.33 15.01 11.72
C GLY A 153 26.46 15.99 11.81
N LYS A 154 26.89 16.57 10.68
CA LYS A 154 27.94 17.58 10.70
C LYS A 154 27.41 18.92 11.19
N LYS A 155 26.29 19.37 10.61
CA LYS A 155 25.64 20.61 11.04
C LYS A 155 24.91 20.45 12.38
N ASN A 156 24.87 21.56 13.12
CA ASN A 156 23.90 21.74 14.20
C ASN A 156 22.55 21.97 13.53
N HIS A 157 21.73 20.92 13.49
N HIS A 157 21.73 20.93 13.45
CA HIS A 157 20.53 20.96 12.65
CA HIS A 157 20.54 21.05 12.61
C HIS A 157 19.42 21.82 13.26
C HIS A 157 19.47 21.92 13.25
N VAL A 158 19.36 21.94 14.57
CA VAL A 158 18.40 22.85 15.20
C VAL A 158 18.78 24.31 14.91
N GLU A 159 20.07 24.63 15.00
CA GLU A 159 20.50 25.99 14.67
C GLU A 159 20.36 26.28 13.17
N ASN A 160 20.69 25.30 12.32
CA ASN A 160 20.50 25.50 10.89
C ASN A 160 19.06 25.86 10.57
N LEU A 161 18.11 25.13 11.18
CA LEU A 161 16.69 25.41 10.99
C LEU A 161 16.34 26.83 11.48
N GLN A 162 16.84 27.19 12.66
CA GLN A 162 16.60 28.54 13.16
C GLN A 162 17.24 29.58 12.27
N LYS A 163 18.41 29.29 11.71
CA LYS A 163 19.06 30.22 10.80
C LYS A 163 18.20 30.45 9.55
N LEU A 164 17.70 29.37 8.96
CA LEU A 164 16.82 29.48 7.80
C LEU A 164 15.55 30.23 8.13
N ARG A 165 15.02 30.01 9.32
CA ARG A 165 13.79 30.69 9.74
C ARG A 165 14.03 32.20 9.84
N ARG A 166 15.16 32.59 10.42
CA ARG A 166 15.41 34.02 10.59
C ARG A 166 15.73 34.69 9.24
N TRP A 167 16.32 33.95 8.29
CA TRP A 167 16.48 34.48 6.94
C TRP A 167 15.12 34.65 6.26
N CYS A 168 14.18 33.73 6.49
CA CYS A 168 12.83 33.95 5.98
C CYS A 168 12.20 35.21 6.57
N ARG A 169 12.40 35.43 7.87
CA ARG A 169 12.00 36.69 8.50
C ARG A 169 12.67 37.88 7.80
N ASP A 170 14.01 37.85 7.66
CA ASP A 170 14.73 39.00 7.13
C ASP A 170 14.33 39.30 5.69
N TYR A 171 14.13 38.25 4.89
CA TYR A 171 13.87 38.42 3.47
C TYR A 171 12.38 38.27 3.13
N LYS A 172 11.52 38.21 4.14
CA LYS A 172 10.06 38.25 3.99
C LYS A 172 9.55 37.09 3.12
N VAL A 173 9.89 35.90 3.57
CA VAL A 173 9.40 34.65 3.02
C VAL A 173 8.64 33.94 4.12
N ALA A 174 7.47 33.38 3.80
CA ALA A 174 6.73 32.60 4.78
C ALA A 174 7.44 31.27 5.05
N PHE A 175 7.53 30.89 6.31
CA PHE A 175 8.29 29.72 6.73
C PHE A 175 7.35 28.58 7.07
N LYS A 176 7.65 27.39 6.57
CA LYS A 176 6.82 26.21 6.75
C LYS A 176 7.74 25.04 7.11
N ILE A 177 7.21 24.10 7.90
CA ILE A 177 7.93 22.89 8.28
C ILE A 177 7.10 21.67 7.88
N ASN A 178 7.77 20.63 7.37
CA ASN A 178 7.16 19.35 7.06
C ASN A 178 7.81 18.29 7.95
N SER A 179 6.99 17.41 8.57
CA SER A 179 7.54 16.31 9.38
C SER A 179 6.89 15.00 8.96
N VAL A 180 7.71 13.96 8.78
CA VAL A 180 7.24 12.61 8.51
C VAL A 180 7.23 11.84 9.81
N ILE A 181 6.06 11.37 10.22
CA ILE A 181 5.93 10.67 11.50
C ILE A 181 6.09 9.17 11.24
N ASN A 182 7.06 8.58 11.93
CA ASN A 182 7.51 7.23 11.62
C ASN A 182 7.89 6.55 12.93
N ARG A 183 8.34 5.31 12.82
CA ARG A 183 8.65 4.51 14.00
C ARG A 183 9.60 5.22 14.96
N PHE A 184 10.53 6.02 14.44
CA PHE A 184 11.56 6.55 15.31
C PHE A 184 11.23 7.90 15.95
N ASN A 185 10.22 8.62 15.50
CA ASN A 185 9.84 9.88 16.15
C ASN A 185 8.39 9.88 16.62
N VAL A 186 7.69 8.75 16.55
CA VAL A 186 6.27 8.76 16.87
C VAL A 186 6.00 9.09 18.35
N ASP A 187 6.99 8.91 19.22
CA ASP A 187 6.85 9.25 20.64
C ASP A 187 7.44 10.61 21.01
N GLU A 188 7.95 11.37 20.05
CA GLU A 188 8.64 12.60 20.37
C GLU A 188 7.66 13.73 20.66
N ASP A 189 8.03 14.62 21.60
CA ASP A 189 7.25 15.81 21.88
C ASP A 189 7.94 17.00 21.21
N MET A 190 7.30 17.58 20.19
CA MET A 190 7.91 18.64 19.41
C MET A 190 7.28 19.99 19.64
N ASN A 191 6.34 20.10 20.60
CA ASN A 191 5.54 21.31 20.75
C ASN A 191 6.42 22.56 20.87
N GLU A 192 7.37 22.54 21.81
CA GLU A 192 8.16 23.76 22.06
C GLU A 192 9.10 24.07 20.89
N HIS A 193 9.68 23.05 20.28
CA HIS A 193 10.56 23.28 19.14
C HIS A 193 9.83 23.89 17.95
N ILE A 194 8.66 23.36 17.62
CA ILE A 194 7.87 23.90 16.52
C ILE A 194 7.44 25.33 16.82
N LYS A 195 6.96 25.57 18.04
CA LYS A 195 6.53 26.93 18.37
C LYS A 195 7.70 27.90 18.41
N ALA A 196 8.90 27.43 18.79
CA ALA A 196 10.06 28.33 18.73
C ALA A 196 10.38 28.76 17.30
N LEU A 197 9.90 28.02 16.29
CA LEU A 197 10.14 28.38 14.91
C LEU A 197 8.99 29.17 14.27
N SER A 198 7.88 29.37 14.99
CA SER A 198 6.68 30.05 14.53
C SER A 198 6.39 29.89 13.03
N PRO A 199 6.22 28.68 12.52
CA PRO A 199 5.89 28.53 11.09
C PRO A 199 4.46 28.98 10.78
N VAL A 200 4.24 29.32 9.51
CA VAL A 200 2.87 29.58 9.07
C VAL A 200 2.09 28.29 8.85
N ARG A 201 2.77 27.15 8.82
CA ARG A 201 2.14 25.91 8.37
C ARG A 201 3.07 24.78 8.78
N TRP A 202 2.54 23.78 9.48
CA TRP A 202 3.32 22.62 9.91
C TRP A 202 2.63 21.36 9.40
N LYS A 203 3.18 20.78 8.34
CA LYS A 203 2.61 19.58 7.77
C LYS A 203 3.12 18.37 8.52
N VAL A 204 2.21 17.50 8.92
CA VAL A 204 2.56 16.31 9.71
C VAL A 204 2.03 15.11 8.92
N PHE A 205 2.95 14.41 8.25
CA PHE A 205 2.63 13.31 7.35
C PHE A 205 2.83 11.99 8.08
N GLN A 206 1.86 11.09 7.95
CA GLN A 206 2.13 9.71 8.33
C GLN A 206 3.07 9.09 7.30
N CYS A 207 4.11 8.39 7.75
CA CYS A 207 5.01 7.74 6.79
C CYS A 207 4.21 6.90 5.79
N LEU A 208 4.50 7.06 4.50
CA LEU A 208 3.69 6.48 3.44
C LEU A 208 4.51 5.51 2.60
N LEU A 209 3.96 4.33 2.35
CA LEU A 209 4.60 3.30 1.54
C LEU A 209 4.20 3.48 0.08
N ILE A 210 5.20 3.52 -0.81
N ILE A 210 5.19 3.51 -0.82
CA ILE A 210 4.96 3.67 -2.25
CA ILE A 210 4.92 3.68 -2.25
C ILE A 210 5.73 2.57 -2.98
C ILE A 210 5.71 2.63 -3.04
N GLU A 211 5.01 1.70 -3.68
CA GLU A 211 5.68 0.63 -4.42
C GLU A 211 6.53 1.20 -5.56
N GLY A 212 7.73 0.66 -5.69
CA GLY A 212 8.69 1.14 -6.67
C GLY A 212 9.56 2.28 -6.17
N GLU A 213 9.20 2.90 -5.05
CA GLU A 213 10.03 3.92 -4.43
C GLU A 213 10.65 3.42 -3.14
N ASN A 214 9.82 3.09 -2.15
CA ASN A 214 10.31 2.61 -0.86
C ASN A 214 9.69 1.26 -0.48
N SER A 215 9.17 0.53 -1.45
CA SER A 215 8.60 -0.79 -1.19
C SER A 215 8.71 -1.62 -2.46
N GLY A 216 9.00 -2.90 -2.31
CA GLY A 216 9.09 -3.80 -3.44
C GLY A 216 10.53 -4.06 -3.88
N ALA A 217 10.65 -4.97 -4.86
CA ALA A 217 11.97 -5.38 -5.36
C ALA A 217 12.62 -4.31 -6.24
N ASP A 218 11.83 -3.43 -6.82
CA ASP A 218 12.32 -2.45 -7.79
C ASP A 218 12.66 -1.11 -7.13
N ALA A 219 12.82 -1.07 -5.82
CA ALA A 219 12.83 0.17 -5.06
C ALA A 219 14.19 0.40 -4.41
N LEU A 220 14.61 1.67 -4.40
CA LEU A 220 15.88 2.04 -3.79
C LEU A 220 15.83 2.07 -2.27
N ARG A 221 14.64 2.14 -1.69
N ARG A 221 14.64 2.12 -1.68
CA ARG A 221 14.43 2.20 -0.25
CA ARG A 221 14.48 2.18 -0.23
C ARG A 221 13.52 1.06 0.19
C ARG A 221 13.51 1.08 0.19
N ALA A 222 13.46 0.85 1.50
CA ALA A 222 12.58 -0.15 2.12
C ALA A 222 11.98 0.51 3.37
N ALA A 223 10.81 1.10 3.20
CA ALA A 223 10.19 1.89 4.28
C ALA A 223 9.42 1.06 5.28
N GLU A 224 9.24 -0.25 5.07
CA GLU A 224 8.35 -1.01 5.95
C GLU A 224 8.70 -0.82 7.42
N ARG A 225 9.98 -0.88 7.76
CA ARG A 225 10.35 -0.77 9.17
C ARG A 225 10.10 0.62 9.75
N PHE A 226 9.74 1.61 8.93
CA PHE A 226 9.46 2.95 9.43
C PHE A 226 7.99 3.19 9.71
N LEU A 227 7.11 2.32 9.26
CA LEU A 227 5.69 2.62 9.28
C LEU A 227 5.12 2.54 10.69
N ILE A 228 4.04 3.30 10.90
CA ILE A 228 3.27 3.30 12.14
C ILE A 228 1.80 3.12 11.82
N SER A 229 1.07 2.60 12.80
CA SER A 229 -0.36 2.42 12.60
C SER A 229 -1.09 3.75 12.66
N ASN A 230 -2.34 3.74 12.16
CA ASN A 230 -3.17 4.93 12.27
C ASN A 230 -3.35 5.33 13.73
N GLU A 231 -3.52 4.34 14.61
CA GLU A 231 -3.69 4.68 16.02
C GLU A 231 -2.46 5.41 16.57
N GLU A 232 -1.26 4.95 16.22
CA GLU A 232 -0.03 5.63 16.68
C GLU A 232 0.08 7.02 16.09
N PHE A 233 -0.29 7.19 14.82
CA PHE A 233 -0.20 8.51 14.21
C PHE A 233 -1.13 9.50 14.90
N GLU A 234 -2.36 9.07 15.23
CA GLU A 234 -3.30 9.95 15.92
C GLU A 234 -2.82 10.31 17.33
N THR A 235 -2.13 9.39 18.00
CA THR A 235 -1.51 9.71 19.29
C THR A 235 -0.53 10.86 19.15
N PHE A 236 0.28 10.86 18.10
CA PHE A 236 1.18 11.98 17.84
C PHE A 236 0.40 13.28 17.62
N LEU A 237 -0.65 13.22 16.78
CA LEU A 237 -1.48 14.40 16.55
C LEU A 237 -2.02 14.96 17.85
N GLU A 238 -2.57 14.09 18.70
CA GLU A 238 -3.18 14.59 19.93
C GLU A 238 -2.13 15.20 20.85
N ARG A 239 -0.90 14.68 20.84
CA ARG A 239 0.14 15.28 21.67
C ARG A 239 0.47 16.70 21.24
N HIS A 240 0.15 17.09 20.00
CA HIS A 240 0.53 18.38 19.45
C HIS A 240 -0.67 19.26 19.11
N LYS A 241 -1.82 19.01 19.76
CA LYS A 241 -3.01 19.82 19.56
C LYS A 241 -2.76 21.30 19.77
N GLU A 242 -1.84 21.66 20.68
CA GLU A 242 -1.66 23.07 21.00
C GLU A 242 -1.05 23.86 19.85
N VAL A 243 -0.45 23.19 18.87
CA VAL A 243 0.22 23.89 17.77
C VAL A 243 -0.83 24.30 16.75
N SER A 244 -1.07 25.61 16.61
N SER A 244 -1.05 25.60 16.60
CA SER A 244 -2.18 26.07 15.77
CA SER A 244 -2.16 26.11 15.80
C SER A 244 -1.95 25.79 14.30
C SER A 244 -1.95 25.96 14.30
N CYS A 245 -0.70 25.78 13.84
CA CYS A 245 -0.42 25.66 12.41
C CYS A 245 -0.36 24.21 11.92
N LEU A 246 -0.69 23.24 12.77
CA LEU A 246 -0.52 21.84 12.41
C LEU A 246 -1.56 21.43 11.38
N VAL A 247 -1.10 20.82 10.29
CA VAL A 247 -1.97 20.27 9.24
C VAL A 247 -1.67 18.79 9.11
N PRO A 248 -2.57 17.90 9.51
CA PRO A 248 -2.26 16.47 9.52
C PRO A 248 -2.67 15.76 8.23
N GLU A 249 -1.87 14.77 7.84
CA GLU A 249 -2.19 13.96 6.65
C GLU A 249 -1.83 12.50 6.95
N SER A 250 -2.83 11.73 7.34
CA SER A 250 -2.72 10.28 7.36
C SER A 250 -2.46 9.77 5.96
N ASN A 251 -2.15 8.46 5.87
CA ASN A 251 -1.94 7.86 4.55
C ASN A 251 -3.10 8.14 3.62
N GLN A 252 -4.33 8.04 4.14
CA GLN A 252 -5.52 8.22 3.31
C GLN A 252 -5.63 9.65 2.78
N LYS A 253 -5.24 10.62 3.60
CA LYS A 253 -5.33 12.01 3.16
C LYS A 253 -4.21 12.39 2.20
N MET A 254 -3.12 11.62 2.19
CA MET A 254 -1.95 11.97 1.41
C MET A 254 -1.90 11.31 0.04
N LYS A 255 -2.39 10.07 -0.10
N LYS A 255 -2.39 10.07 -0.07
CA LYS A 255 -1.91 9.22 -1.19
CA LYS A 255 -2.09 9.18 -1.20
C LYS A 255 -2.35 9.71 -2.57
C LYS A 255 -2.31 9.85 -2.55
N ASP A 256 -3.56 10.26 -2.71
N ASP A 256 -3.56 10.25 -2.82
CA ASP A 256 -4.04 10.68 -4.03
CA ASP A 256 -3.94 10.73 -4.14
C ASP A 256 -4.49 12.14 -4.05
C ASP A 256 -4.43 12.18 -4.12
N SER A 257 -4.03 12.95 -3.12
CA SER A 257 -4.50 14.31 -2.95
C SER A 257 -3.52 15.35 -3.47
N TYR A 258 -2.56 14.94 -4.28
CA TYR A 258 -1.58 15.83 -4.88
C TYR A 258 -1.57 15.65 -6.39
N LEU A 259 -1.28 16.73 -7.11
CA LEU A 259 -0.88 16.66 -8.52
C LEU A 259 0.64 16.68 -8.57
N ILE A 260 1.23 15.59 -9.05
CA ILE A 260 2.67 15.36 -8.95
C ILE A 260 3.23 15.22 -10.36
N LEU A 261 4.10 16.15 -10.73
CA LEU A 261 4.83 16.09 -11.99
C LEU A 261 6.24 15.61 -11.73
N ASP A 262 6.70 14.61 -12.48
CA ASP A 262 8.03 14.08 -12.29
C ASP A 262 9.04 14.88 -13.11
N GLU A 263 10.25 14.37 -13.23
CA GLU A 263 11.32 15.16 -13.83
C GLU A 263 11.18 15.31 -15.34
N TYR A 264 10.32 14.50 -15.96
CA TYR A 264 9.96 14.61 -17.37
C TYR A 264 8.68 15.41 -17.59
N MET A 265 8.13 15.99 -16.52
CA MET A 265 6.81 16.63 -16.48
C MET A 265 5.70 15.68 -16.95
N ARG A 266 5.75 14.46 -16.42
CA ARG A 266 4.65 13.51 -16.51
C ARG A 266 3.93 13.49 -15.17
N PHE A 267 2.59 13.40 -15.20
CA PHE A 267 1.86 13.23 -13.96
C PHE A 267 2.04 11.81 -13.42
N LEU A 268 2.31 11.69 -12.13
CA LEU A 268 2.42 10.39 -11.49
C LEU A 268 1.08 10.03 -10.86
N ASN A 269 0.58 8.85 -11.18
CA ASN A 269 -0.67 8.35 -10.63
C ASN A 269 -0.34 7.46 -9.45
N CYS A 270 -0.83 7.82 -8.27
CA CYS A 270 -0.52 7.06 -7.06
C CYS A 270 -1.67 6.19 -6.61
N THR A 271 -2.76 6.11 -7.38
CA THR A 271 -3.89 5.28 -6.94
C THR A 271 -3.53 3.80 -6.91
N GLY A 272 -2.59 3.37 -7.75
CA GLY A 272 -2.20 1.97 -7.80
C GLY A 272 -1.15 1.60 -6.77
N GLY A 273 -0.94 2.46 -5.77
CA GLY A 273 0.12 2.28 -4.80
C GLY A 273 1.53 2.48 -5.32
N ARG A 274 1.71 2.71 -6.63
CA ARG A 274 2.98 3.01 -7.29
C ARG A 274 3.02 4.51 -7.64
N LYS A 275 3.93 4.87 -8.57
CA LYS A 275 3.97 6.20 -9.18
C LYS A 275 4.02 6.02 -10.71
N ASP A 276 2.88 5.58 -11.28
CA ASP A 276 2.79 5.29 -12.70
C ASP A 276 2.72 6.61 -13.47
N PRO A 277 3.52 6.79 -14.54
CA PRO A 277 3.57 8.10 -15.21
C PRO A 277 2.68 8.23 -16.44
N SER A 278 2.04 9.39 -16.60
CA SER A 278 1.38 9.74 -17.86
C SER A 278 2.43 10.06 -18.92
N LYS A 279 1.95 10.45 -20.09
N LYS A 279 1.96 10.45 -20.10
CA LYS A 279 2.82 11.11 -21.06
CA LYS A 279 2.85 11.09 -21.04
C LYS A 279 3.17 12.51 -20.57
C LYS A 279 3.16 12.51 -20.59
N SER A 280 4.23 13.08 -21.13
CA SER A 280 4.65 14.41 -20.68
C SER A 280 3.68 15.47 -21.16
N ILE A 281 3.39 16.45 -20.30
CA ILE A 281 2.60 17.59 -20.75
C ILE A 281 3.30 18.30 -21.89
N LEU A 282 4.62 18.17 -21.97
CA LEU A 282 5.37 18.77 -23.06
C LEU A 282 5.06 18.10 -24.39
N ASP A 283 4.58 16.86 -24.35
CA ASP A 283 4.27 16.10 -25.56
C ASP A 283 2.78 16.13 -25.90
N VAL A 284 1.90 15.81 -24.94
CA VAL A 284 0.48 15.65 -25.22
C VAL A 284 -0.35 16.80 -24.67
N GLY A 285 0.26 17.74 -23.95
CA GLY A 285 -0.50 18.83 -23.33
C GLY A 285 -1.06 18.46 -21.97
N VAL A 286 -1.53 19.50 -21.25
CA VAL A 286 -1.94 19.30 -19.86
C VAL A 286 -3.22 18.49 -19.78
N GLU A 287 -4.21 18.84 -20.61
CA GLU A 287 -5.53 18.22 -20.50
C GLU A 287 -5.45 16.72 -20.69
N GLU A 288 -4.71 16.27 -21.71
CA GLU A 288 -4.57 14.84 -21.96
C GLU A 288 -3.76 14.15 -20.87
N ALA A 289 -2.64 14.74 -20.46
CA ALA A 289 -1.79 14.09 -19.46
C ALA A 289 -2.48 13.97 -18.12
N ILE A 290 -3.28 14.97 -17.74
CA ILE A 290 -3.81 14.97 -16.38
C ILE A 290 -4.96 13.99 -16.19
N LYS A 291 -5.56 13.49 -17.28
CA LYS A 291 -6.64 12.51 -17.16
C LYS A 291 -6.15 11.22 -16.51
N PHE A 292 -4.85 10.98 -16.51
CA PHE A 292 -4.28 9.76 -15.96
C PHE A 292 -3.60 10.00 -14.61
N SER A 293 -3.85 11.15 -13.98
CA SER A 293 -3.15 11.49 -12.74
C SER A 293 -3.70 10.74 -11.52
N GLY A 294 -4.94 10.26 -11.59
CA GLY A 294 -5.57 9.68 -10.42
C GLY A 294 -5.88 10.66 -9.31
N PHE A 295 -5.88 11.96 -9.61
CA PHE A 295 -6.07 13.01 -8.59
C PHE A 295 -7.47 12.92 -7.99
N ASP A 296 -7.55 13.01 -6.66
CA ASP A 296 -8.82 13.05 -5.95
C ASP A 296 -8.98 14.45 -5.39
N GLU A 297 -9.74 15.29 -6.11
CA GLU A 297 -9.83 16.69 -5.71
C GLU A 297 -10.58 16.87 -4.40
N LYS A 298 -11.56 16.01 -4.12
CA LYS A 298 -12.25 16.12 -2.83
C LYS A 298 -11.27 15.94 -1.68
N MET A 299 -10.32 15.02 -1.83
CA MET A 299 -9.37 14.78 -0.74
C MET A 299 -8.37 15.92 -0.66
N PHE A 300 -7.96 16.46 -1.81
CA PHE A 300 -7.13 17.65 -1.82
C PHE A 300 -7.78 18.75 -0.98
N LEU A 301 -9.07 18.98 -1.18
CA LEU A 301 -9.77 19.99 -0.38
C LEU A 301 -9.91 19.55 1.06
N LYS A 302 -10.21 18.28 1.30
CA LYS A 302 -10.44 17.80 2.66
C LYS A 302 -9.19 17.92 3.52
N ARG A 303 -8.00 17.74 2.94
CA ARG A 303 -6.77 17.85 3.71
C ARG A 303 -6.30 19.29 3.87
N GLY A 304 -7.06 20.27 3.40
CA GLY A 304 -6.62 21.65 3.54
C GLY A 304 -5.64 22.11 2.48
N GLY A 305 -5.71 21.52 1.28
CA GLY A 305 -4.79 21.89 0.21
C GLY A 305 -5.00 23.30 -0.33
N LYS A 306 -6.18 23.89 -0.12
CA LYS A 306 -6.41 25.24 -0.59
C LYS A 306 -6.45 26.17 0.62
N TYR A 307 -5.55 27.15 0.65
CA TYR A 307 -5.40 28.04 1.80
C TYR A 307 -4.78 29.34 1.31
N VAL A 308 -4.66 30.30 2.23
CA VAL A 308 -4.08 31.60 1.89
C VAL A 308 -2.58 31.38 1.66
N TRP A 309 -2.19 31.27 0.40
CA TRP A 309 -0.86 30.78 0.07
C TRP A 309 0.00 31.84 -0.64
N SER A 310 -0.46 33.09 -0.69
CA SER A 310 0.30 34.21 -1.23
C SER A 310 0.84 35.03 -0.06
N LYS A 311 2.17 35.24 -0.02
CA LYS A 311 2.73 35.88 1.17
C LYS A 311 2.27 37.33 1.28
N ALA A 312 1.98 37.97 0.15
CA ALA A 312 1.47 39.34 0.19
C ALA A 312 0.14 39.42 0.92
N ASP A 313 -0.60 38.32 0.98
CA ASP A 313 -1.88 38.30 1.69
C ASP A 313 -1.74 37.77 3.11
N LEU A 314 -0.55 37.36 3.52
CA LEU A 314 -0.31 36.96 4.89
C LEU A 314 0.22 38.13 5.72
N LYS A 315 0.26 37.92 7.03
CA LYS A 315 0.84 38.87 7.97
C LYS A 315 2.06 38.21 8.60
N LEU A 316 3.22 38.40 7.99
CA LEU A 316 4.45 37.81 8.50
C LEU A 316 4.95 38.59 9.72
N ARG B 26 -13.95 -8.70 -21.30
CA ARG B 26 -12.59 -9.06 -21.68
C ARG B 26 -11.96 -10.05 -20.70
N THR B 27 -12.31 -9.94 -19.42
CA THR B 27 -11.74 -10.81 -18.39
C THR B 27 -12.58 -12.07 -18.23
N THR B 28 -11.96 -13.24 -18.40
CA THR B 28 -12.63 -14.50 -18.11
C THR B 28 -12.38 -14.92 -16.67
N PRO B 29 -13.41 -15.17 -15.87
CA PRO B 29 -13.14 -15.51 -14.47
C PRO B 29 -12.69 -16.95 -14.27
N VAL B 30 -11.46 -17.27 -14.70
CA VAL B 30 -11.01 -18.66 -14.68
C VAL B 30 -10.90 -19.19 -13.25
N SER B 31 -10.33 -18.41 -12.35
CA SER B 31 -10.09 -18.83 -10.97
C SER B 31 -10.53 -17.73 -10.02
N VAL B 32 -11.54 -18.02 -9.18
CA VAL B 32 -12.21 -16.99 -8.38
C VAL B 32 -12.21 -17.40 -6.91
N ASN B 33 -11.98 -16.43 -6.04
CA ASN B 33 -12.14 -16.60 -4.60
C ASN B 33 -13.48 -16.03 -4.14
N TYR B 34 -14.22 -16.83 -3.42
CA TYR B 34 -15.52 -16.38 -2.88
C TYR B 34 -15.39 -16.36 -1.36
N HIS B 35 -15.23 -15.15 -0.80
CA HIS B 35 -15.19 -14.92 0.64
C HIS B 35 -16.62 -14.75 1.11
N PHE B 36 -17.32 -15.88 1.30
CA PHE B 36 -18.76 -15.80 1.52
C PHE B 36 -19.11 -15.33 2.93
N THR B 37 -18.16 -15.31 3.87
CA THR B 37 -18.44 -14.75 5.19
C THR B 37 -17.23 -13.97 5.65
N ARG B 38 -17.48 -12.97 6.49
CA ARG B 38 -16.42 -12.22 7.15
C ARG B 38 -16.27 -12.55 8.62
N GLN B 39 -17.08 -13.47 9.14
CA GLN B 39 -16.91 -13.89 10.53
C GLN B 39 -15.64 -14.73 10.65
N CYS B 40 -14.95 -14.57 11.77
CA CYS B 40 -13.81 -15.44 12.03
C CYS B 40 -13.71 -15.67 13.53
N ASN B 41 -13.07 -16.79 13.89
CA ASN B 41 -12.90 -17.15 15.29
C ASN B 41 -11.48 -16.93 15.76
N TYR B 42 -10.58 -16.51 14.88
CA TYR B 42 -9.21 -16.15 15.22
C TYR B 42 -9.10 -14.62 15.22
N LYS B 43 -7.90 -14.12 15.53
CA LYS B 43 -7.71 -12.67 15.52
C LYS B 43 -6.29 -12.31 15.08
N CYS B 44 -5.83 -12.90 13.98
CA CYS B 44 -4.53 -12.60 13.40
C CYS B 44 -4.34 -11.10 13.22
N GLY B 45 -3.26 -10.56 13.79
CA GLY B 45 -3.11 -9.12 13.85
C GLY B 45 -2.96 -8.44 12.50
N PHE B 46 -2.54 -9.20 11.48
CA PHE B 46 -2.37 -8.66 10.14
C PHE B 46 -3.55 -8.91 9.22
N CYS B 47 -4.62 -9.54 9.72
CA CYS B 47 -5.71 -10.00 8.86
C CYS B 47 -6.14 -8.94 7.86
N PHE B 48 -6.19 -9.31 6.57
CA PHE B 48 -6.58 -8.35 5.54
C PHE B 48 -7.97 -8.61 4.98
N HIS B 49 -8.75 -9.52 5.61
CA HIS B 49 -10.15 -9.69 5.19
C HIS B 49 -10.97 -9.81 6.48
N THR B 50 -11.31 -8.65 7.05
CA THR B 50 -11.71 -8.54 8.44
C THR B 50 -13.23 -8.62 8.59
N ALA B 51 -13.67 -8.62 9.85
CA ALA B 51 -15.06 -8.95 10.20
C ALA B 51 -15.95 -7.71 10.14
N LYS B 52 -16.06 -7.14 8.94
CA LYS B 52 -16.77 -5.87 8.76
C LYS B 52 -18.29 -6.02 8.75
N THR B 53 -18.81 -7.18 8.36
CA THR B 53 -20.25 -7.39 8.33
C THR B 53 -20.54 -8.80 8.80
N SER B 54 -21.83 -9.05 9.10
CA SER B 54 -22.34 -10.39 9.36
C SER B 54 -23.23 -10.87 8.21
N PHE B 55 -23.12 -10.26 7.03
CA PHE B 55 -23.92 -10.70 5.89
C PHE B 55 -23.32 -11.96 5.27
N VAL B 56 -24.19 -12.94 4.99
CA VAL B 56 -23.88 -14.13 4.20
C VAL B 56 -25.09 -14.39 3.29
N LEU B 57 -24.84 -14.67 2.01
CA LEU B 57 -25.97 -14.93 1.11
C LEU B 57 -26.73 -16.19 1.52
N PRO B 58 -28.04 -16.20 1.33
CA PRO B 58 -28.76 -17.47 1.35
C PRO B 58 -28.10 -18.46 0.42
N LEU B 59 -28.09 -19.72 0.83
CA LEU B 59 -27.42 -20.76 0.07
C LEU B 59 -27.86 -20.76 -1.39
N GLU B 60 -29.16 -20.62 -1.63
N GLU B 60 -29.17 -20.61 -1.62
CA GLU B 60 -29.62 -20.73 -3.02
CA GLU B 60 -29.70 -20.69 -2.98
C GLU B 60 -29.17 -19.55 -3.87
C GLU B 60 -29.19 -19.55 -3.85
N GLU B 61 -28.95 -18.37 -3.26
CA GLU B 61 -28.41 -17.25 -4.04
C GLU B 61 -26.93 -17.44 -4.32
N ALA B 62 -26.18 -17.97 -3.37
CA ALA B 62 -24.78 -18.30 -3.65
C ALA B 62 -24.68 -19.27 -4.81
N LYS B 63 -25.53 -20.31 -4.83
CA LYS B 63 -25.53 -21.26 -5.94
C LYS B 63 -25.83 -20.57 -7.26
N ARG B 64 -26.76 -19.62 -7.25
CA ARG B 64 -27.08 -18.92 -8.48
C ARG B 64 -25.88 -18.13 -8.97
N GLY B 65 -25.14 -17.50 -8.06
CA GLY B 65 -23.94 -16.78 -8.46
C GLY B 65 -22.84 -17.70 -8.98
N LEU B 66 -22.65 -18.85 -8.33
CA LEU B 66 -21.64 -19.79 -8.80
C LEU B 66 -21.98 -20.31 -10.19
N LEU B 67 -23.26 -20.56 -10.44
CA LEU B 67 -23.70 -20.92 -11.78
C LEU B 67 -23.41 -19.79 -12.79
N LEU B 68 -23.66 -18.54 -12.40
CA LEU B 68 -23.32 -17.43 -13.29
C LEU B 68 -21.84 -17.42 -13.62
N LEU B 69 -21.00 -17.69 -12.61
CA LEU B 69 -19.56 -17.72 -12.84
C LEU B 69 -19.16 -18.87 -13.76
N LYS B 70 -19.72 -20.05 -13.52
CA LYS B 70 -19.46 -21.19 -14.41
C LYS B 70 -19.79 -20.82 -15.86
N GLN B 71 -20.97 -20.27 -16.09
CA GLN B 71 -21.35 -19.92 -17.46
C GLN B 71 -20.42 -18.88 -18.05
N ALA B 72 -19.76 -18.09 -17.21
CA ALA B 72 -18.78 -17.12 -17.68
C ALA B 72 -17.39 -17.72 -17.88
N GLY B 73 -17.19 -18.99 -17.54
CA GLY B 73 -15.94 -19.67 -17.77
C GLY B 73 -15.15 -20.02 -16.50
N LEU B 74 -15.78 -19.99 -15.34
CA LEU B 74 -15.11 -20.39 -14.12
C LEU B 74 -14.65 -21.84 -14.22
N GLU B 75 -13.41 -22.10 -13.79
CA GLU B 75 -12.87 -23.45 -13.71
C GLU B 75 -12.44 -23.84 -12.30
N LYS B 76 -11.97 -22.90 -11.49
CA LYS B 76 -11.56 -23.19 -10.12
C LYS B 76 -12.21 -22.18 -9.19
N ILE B 77 -12.87 -22.67 -8.16
CA ILE B 77 -13.46 -21.83 -7.14
C ILE B 77 -12.72 -22.12 -5.84
N ASN B 78 -12.33 -21.07 -5.12
CA ASN B 78 -11.73 -21.20 -3.80
C ASN B 78 -12.64 -20.52 -2.77
N PHE B 79 -13.07 -21.27 -1.76
CA PHE B 79 -13.93 -20.68 -0.73
C PHE B 79 -13.08 -20.15 0.41
N SER B 80 -13.39 -18.93 0.84
CA SER B 80 -12.54 -18.25 1.81
C SER B 80 -13.42 -17.43 2.74
N GLY B 81 -12.78 -16.56 3.52
CA GLY B 81 -13.48 -15.61 4.39
C GLY B 81 -12.53 -14.56 4.94
N GLY B 82 -12.60 -14.24 6.23
CA GLY B 82 -13.40 -14.96 7.20
C GLY B 82 -12.95 -16.40 7.36
N GLU B 83 -13.58 -17.14 8.28
CA GLU B 83 -13.31 -18.56 8.40
C GLU B 83 -14.47 -19.33 7.79
N PRO B 84 -14.31 -19.98 6.64
CA PRO B 84 -15.48 -20.50 5.92
C PRO B 84 -16.17 -21.65 6.64
N PHE B 85 -15.48 -22.37 7.53
CA PHE B 85 -16.15 -23.46 8.23
C PHE B 85 -17.11 -22.96 9.31
N LEU B 86 -17.17 -21.65 9.57
CA LEU B 86 -18.05 -21.16 10.62
C LEU B 86 -19.53 -21.21 10.23
N GLN B 87 -19.86 -21.07 8.96
CA GLN B 87 -21.25 -20.83 8.61
C GLN B 87 -22.05 -22.11 8.73
N ASP B 88 -23.15 -22.07 9.49
CA ASP B 88 -24.03 -23.23 9.70
C ASP B 88 -23.22 -24.48 10.07
N ARG B 89 -22.24 -24.29 10.94
CA ARG B 89 -21.41 -25.38 11.46
C ARG B 89 -20.70 -26.16 10.36
N GLY B 90 -20.30 -25.47 9.29
CA GLY B 90 -19.57 -26.10 8.22
C GLY B 90 -20.42 -26.67 7.09
N GLU B 91 -21.74 -26.77 7.30
CA GLU B 91 -22.62 -27.38 6.30
C GLU B 91 -22.88 -26.46 5.12
N TYR B 92 -22.89 -25.16 5.34
CA TYR B 92 -23.00 -24.22 4.22
C TYR B 92 -21.88 -24.45 3.21
N LEU B 93 -20.64 -24.49 3.70
CA LEU B 93 -19.48 -24.73 2.87
C LEU B 93 -19.54 -26.09 2.19
N GLY B 94 -19.91 -27.13 2.93
CA GLY B 94 -20.03 -28.44 2.32
C GLY B 94 -21.06 -28.48 1.21
N LYS B 95 -22.20 -27.82 1.44
CA LYS B 95 -23.22 -27.77 0.40
C LYS B 95 -22.71 -27.07 -0.85
N LEU B 96 -21.93 -25.99 -0.70
CA LEU B 96 -21.44 -25.28 -1.88
C LEU B 96 -20.34 -26.06 -2.58
N VAL B 97 -19.47 -26.72 -1.81
CA VAL B 97 -18.46 -27.59 -2.40
C VAL B 97 -19.11 -28.69 -3.22
N ARG B 98 -20.11 -29.37 -2.64
N ARG B 98 -20.12 -29.35 -2.65
CA ARG B 98 -20.79 -30.44 -3.38
CA ARG B 98 -20.80 -30.43 -3.37
C ARG B 98 -21.47 -29.88 -4.63
C ARG B 98 -21.51 -29.91 -4.61
N PHE B 99 -22.14 -28.73 -4.51
CA PHE B 99 -22.80 -28.14 -5.66
C PHE B 99 -21.81 -27.85 -6.78
N CYS B 100 -20.66 -27.24 -6.45
CA CYS B 100 -19.73 -26.88 -7.51
C CYS B 100 -19.11 -28.10 -8.16
N LYS B 101 -18.78 -29.13 -7.38
CA LYS B 101 -18.16 -30.29 -7.97
C LYS B 101 -19.18 -31.15 -8.71
N GLU B 102 -20.32 -31.41 -8.07
CA GLU B 102 -21.26 -32.38 -8.62
C GLU B 102 -22.25 -31.77 -9.61
N GLU B 103 -22.76 -30.58 -9.33
CA GLU B 103 -23.74 -29.97 -10.22
C GLU B 103 -23.08 -29.15 -11.33
N LEU B 104 -22.04 -28.39 -11.00
CA LEU B 104 -21.32 -27.62 -12.03
C LEU B 104 -20.18 -28.40 -12.66
N ALA B 105 -19.70 -29.46 -12.02
CA ALA B 105 -18.56 -30.23 -12.51
C ALA B 105 -17.35 -29.32 -12.77
N LEU B 106 -17.11 -28.40 -11.84
CA LEU B 106 -15.94 -27.54 -11.96
C LEU B 106 -14.66 -28.38 -11.90
N PRO B 107 -13.65 -28.03 -12.70
CA PRO B 107 -12.35 -28.73 -12.57
C PRO B 107 -11.74 -28.69 -11.18
N SER B 108 -11.89 -27.61 -10.43
CA SER B 108 -11.22 -27.53 -9.15
C SER B 108 -12.09 -26.80 -8.13
N VAL B 109 -12.24 -27.39 -6.95
CA VAL B 109 -12.95 -26.77 -5.84
C VAL B 109 -11.98 -26.79 -4.67
N SER B 110 -11.64 -25.63 -4.12
CA SER B 110 -10.67 -25.58 -3.03
C SER B 110 -11.21 -24.70 -1.90
N ILE B 111 -10.54 -24.81 -0.75
CA ILE B 111 -10.83 -24.04 0.45
C ILE B 111 -9.53 -23.52 1.04
N VAL B 112 -9.58 -22.31 1.61
N VAL B 112 -9.58 -22.33 1.63
CA VAL B 112 -8.53 -21.82 2.49
CA VAL B 112 -8.51 -21.85 2.49
C VAL B 112 -9.16 -21.61 3.87
C VAL B 112 -9.12 -21.58 3.86
N SER B 113 -8.54 -22.17 4.90
CA SER B 113 -9.18 -22.19 6.21
C SER B 113 -8.11 -22.17 7.28
N ASN B 114 -8.49 -21.70 8.47
CA ASN B 114 -7.55 -21.78 9.59
C ASN B 114 -7.55 -23.17 10.23
N GLY B 115 -8.42 -24.07 9.76
CA GLY B 115 -8.43 -25.44 10.20
C GLY B 115 -9.04 -25.72 11.55
N SER B 116 -9.26 -24.69 12.39
CA SER B 116 -9.62 -24.93 13.79
C SER B 116 -10.96 -25.60 13.97
N LEU B 117 -11.88 -25.47 13.02
CA LEU B 117 -13.24 -25.94 13.18
C LEU B 117 -13.55 -27.18 12.36
N ILE B 118 -12.58 -27.73 11.65
CA ILE B 118 -12.86 -28.82 10.71
C ILE B 118 -13.01 -30.13 11.51
N ARG B 119 -14.15 -30.78 11.35
N ARG B 119 -14.16 -30.77 11.37
N ARG B 119 -14.15 -30.77 11.37
CA ARG B 119 -14.41 -32.06 12.01
CA ARG B 119 -14.38 -32.06 12.01
CA ARG B 119 -14.40 -32.06 12.01
C ARG B 119 -14.31 -33.18 10.99
C ARG B 119 -14.29 -33.18 10.98
C ARG B 119 -14.27 -33.18 10.98
N GLU B 120 -13.98 -34.38 11.47
CA GLU B 120 -13.85 -35.52 10.58
C GLU B 120 -15.17 -35.80 9.86
N ARG B 121 -16.30 -35.51 10.51
CA ARG B 121 -17.58 -35.66 9.84
C ARG B 121 -17.65 -34.88 8.53
N TRP B 122 -17.05 -33.69 8.48
CA TRP B 122 -17.08 -32.93 7.23
C TRP B 122 -16.35 -33.69 6.13
N PHE B 123 -15.21 -34.30 6.44
CA PHE B 123 -14.52 -35.13 5.45
C PHE B 123 -15.39 -36.29 4.99
N LYS B 124 -16.06 -36.93 5.94
CA LYS B 124 -16.93 -38.06 5.62
C LYS B 124 -18.08 -37.64 4.72
N ASP B 125 -18.65 -36.47 4.95
CA ASP B 125 -19.82 -36.02 4.20
C ASP B 125 -19.45 -35.34 2.88
N TYR B 126 -18.36 -34.59 2.85
CA TYR B 126 -18.06 -33.71 1.72
C TYR B 126 -16.68 -33.87 1.12
N GLY B 127 -15.78 -34.62 1.76
CA GLY B 127 -14.40 -34.63 1.32
C GLY B 127 -14.22 -35.18 -0.08
N GLU B 128 -15.12 -36.08 -0.51
CA GLU B 128 -14.96 -36.68 -1.83
C GLU B 128 -15.06 -35.62 -2.93
N TYR B 129 -15.80 -34.54 -2.69
CA TYR B 129 -16.00 -33.48 -3.68
C TYR B 129 -14.88 -32.44 -3.69
N LEU B 130 -14.13 -32.31 -2.59
CA LEU B 130 -13.16 -31.25 -2.46
C LEU B 130 -11.85 -31.63 -3.14
N ASP B 131 -11.33 -30.76 -4.01
CA ASP B 131 -10.04 -31.07 -4.61
C ASP B 131 -8.89 -30.74 -3.67
N ILE B 132 -8.88 -29.55 -3.10
CA ILE B 132 -7.71 -29.02 -2.39
C ILE B 132 -8.17 -28.37 -1.08
N LEU B 133 -7.53 -28.74 0.02
CA LEU B 133 -7.75 -28.07 1.31
C LEU B 133 -6.48 -27.34 1.71
N ALA B 134 -6.54 -26.02 1.76
CA ALA B 134 -5.43 -25.20 2.21
C ALA B 134 -5.64 -24.82 3.67
N ILE B 135 -4.65 -25.08 4.52
CA ILE B 135 -4.70 -24.66 5.92
C ILE B 135 -3.65 -23.57 6.13
N SER B 136 -4.03 -22.49 6.79
CA SER B 136 -3.09 -21.40 7.02
C SER B 136 -2.28 -21.70 8.26
N CYS B 137 -0.97 -21.58 8.16
CA CYS B 137 -0.11 -21.80 9.31
C CYS B 137 1.14 -20.99 9.09
N ASP B 138 1.33 -19.98 9.92
CA ASP B 138 2.43 -19.05 9.73
C ASP B 138 3.68 -19.43 10.49
N SER B 139 3.57 -20.32 11.46
CA SER B 139 4.72 -20.68 12.29
C SER B 139 4.51 -22.07 12.86
N PHE B 140 5.61 -22.79 13.04
CA PHE B 140 5.56 -24.03 13.82
C PHE B 140 5.96 -23.81 15.26
N ASP B 141 6.17 -22.56 15.66
CA ASP B 141 6.39 -22.18 17.04
C ASP B 141 5.07 -21.66 17.61
N GLU B 142 4.57 -22.31 18.65
CA GLU B 142 3.26 -21.91 19.18
C GLU B 142 3.32 -20.56 19.86
N GLN B 143 4.45 -20.19 20.46
CA GLN B 143 4.55 -18.84 20.99
C GLN B 143 4.38 -17.80 19.88
N VAL B 144 4.90 -18.08 18.68
CA VAL B 144 4.78 -17.14 17.58
C VAL B 144 3.33 -17.05 17.10
N ASN B 145 2.66 -18.20 16.97
CA ASN B 145 1.26 -18.18 16.58
C ASN B 145 0.42 -17.39 17.59
N ALA B 146 0.77 -17.46 18.87
CA ALA B 146 0.01 -16.72 19.87
C ALA B 146 0.26 -15.22 19.78
N LEU B 147 1.50 -14.82 19.48
CA LEU B 147 1.78 -13.40 19.21
C LEU B 147 1.02 -12.91 17.99
N ILE B 148 0.92 -13.75 16.95
CA ILE B 148 0.19 -13.33 15.75
C ILE B 148 -1.31 -13.23 16.03
N GLY B 149 -1.83 -14.09 16.91
CA GLY B 149 -3.27 -14.19 17.11
C GLY B 149 -3.92 -15.30 16.32
N ARG B 150 -3.14 -16.23 15.79
CA ARG B 150 -3.63 -17.38 15.03
C ARG B 150 -3.91 -18.49 16.04
N GLY B 151 -5.03 -18.37 16.71
CA GLY B 151 -5.38 -19.33 17.74
C GLY B 151 -6.63 -18.91 18.47
N GLN B 152 -7.11 -19.81 19.32
CA GLN B 152 -8.28 -19.53 20.14
C GLN B 152 -8.28 -20.33 21.44
N ASN B 156 -3.66 -24.38 20.38
CA ASN B 156 -3.05 -25.58 19.82
C ASN B 156 -3.20 -25.66 18.28
N HIS B 157 -2.81 -24.59 17.59
CA HIS B 157 -3.03 -24.49 16.14
C HIS B 157 -2.22 -25.53 15.36
N VAL B 158 -0.95 -25.72 15.72
CA VAL B 158 -0.06 -26.52 14.87
C VAL B 158 -0.40 -28.01 14.97
N GLU B 159 -0.71 -28.51 16.17
CA GLU B 159 -1.04 -29.93 16.31
C GLU B 159 -2.31 -30.30 15.54
N ASN B 160 -3.19 -29.32 15.35
CA ASN B 160 -4.37 -29.51 14.51
C ASN B 160 -3.98 -29.81 13.07
N LEU B 161 -2.85 -29.26 12.63
CA LEU B 161 -2.43 -29.35 11.23
C LEU B 161 -2.06 -30.78 10.85
N GLN B 162 -1.32 -31.47 11.71
CA GLN B 162 -0.96 -32.86 11.43
C GLN B 162 -2.21 -33.73 11.36
N LYS B 163 -3.17 -33.51 12.26
CA LYS B 163 -4.42 -34.24 12.21
C LYS B 163 -5.15 -34.01 10.89
N LEU B 164 -5.27 -32.75 10.47
CA LEU B 164 -5.95 -32.45 9.21
C LEU B 164 -5.22 -33.06 8.03
N ARG B 165 -3.89 -33.06 8.08
CA ARG B 165 -3.12 -33.66 6.99
C ARG B 165 -3.37 -35.17 6.90
N ARG B 166 -3.52 -35.84 8.04
N ARG B 166 -3.53 -35.84 8.04
CA ARG B 166 -3.85 -37.26 8.03
CA ARG B 166 -3.85 -37.26 8.01
C ARG B 166 -5.22 -37.49 7.41
C ARG B 166 -5.24 -37.52 7.43
N TRP B 167 -6.20 -36.64 7.74
CA TRP B 167 -7.53 -36.81 7.17
C TRP B 167 -7.52 -36.58 5.66
N CYS B 168 -6.68 -35.67 5.16
CA CYS B 168 -6.59 -35.48 3.72
C CYS B 168 -6.06 -36.73 3.04
N ARG B 169 -5.11 -37.41 3.68
N ARG B 169 -5.07 -37.38 3.66
CA ARG B 169 -4.64 -38.68 3.17
CA ARG B 169 -4.63 -38.69 3.19
C ARG B 169 -5.71 -39.76 3.29
C ARG B 169 -5.79 -39.68 3.26
N ASP B 170 -6.44 -39.77 4.42
CA ASP B 170 -7.48 -40.78 4.65
C ASP B 170 -8.60 -40.66 3.63
N TYR B 171 -9.06 -39.44 3.34
CA TYR B 171 -10.21 -39.22 2.48
C TYR B 171 -9.82 -38.82 1.06
N LYS B 172 -8.53 -38.82 0.74
CA LYS B 172 -8.03 -38.49 -0.60
C LYS B 172 -8.41 -37.07 -1.00
N VAL B 173 -7.95 -36.11 -0.21
CA VAL B 173 -8.03 -34.70 -0.53
C VAL B 173 -6.61 -34.17 -0.64
N ALA B 174 -6.35 -33.31 -1.62
CA ALA B 174 -5.01 -32.73 -1.74
C ALA B 174 -4.79 -31.66 -0.66
N PHE B 175 -3.64 -31.70 -0.02
CA PHE B 175 -3.36 -30.84 1.13
C PHE B 175 -2.40 -29.75 0.72
N LYS B 176 -2.73 -28.52 1.11
CA LYS B 176 -1.99 -27.30 0.77
C LYS B 176 -1.80 -26.51 2.06
N ILE B 177 -0.71 -25.75 2.16
CA ILE B 177 -0.46 -24.89 3.30
C ILE B 177 -0.21 -23.48 2.79
N ASN B 178 -0.75 -22.48 3.51
CA ASN B 178 -0.49 -21.06 3.29
C ASN B 178 0.22 -20.47 4.49
N SER B 179 1.28 -19.70 4.25
CA SER B 179 2.03 -19.03 5.30
C SER B 179 2.20 -17.55 4.96
N VAL B 180 1.94 -16.69 5.94
CA VAL B 180 2.16 -15.26 5.81
C VAL B 180 3.49 -14.94 6.50
N ILE B 181 4.44 -14.43 5.73
CA ILE B 181 5.75 -14.10 6.24
C ILE B 181 5.71 -12.67 6.76
N ASN B 182 6.07 -12.50 8.03
CA ASN B 182 5.88 -11.23 8.72
C ASN B 182 7.04 -11.07 9.69
N ARG B 183 6.99 -9.98 10.46
CA ARG B 183 8.08 -9.66 11.37
C ARG B 183 8.40 -10.80 12.34
N PHE B 184 7.40 -11.58 12.72
CA PHE B 184 7.61 -12.53 13.80
C PHE B 184 8.02 -13.92 13.33
N ASN B 185 7.97 -14.20 12.03
CA ASN B 185 8.48 -15.48 11.53
C ASN B 185 9.50 -15.32 10.41
N VAL B 186 9.95 -14.11 10.12
CA VAL B 186 10.81 -13.90 8.96
C VAL B 186 12.16 -14.60 9.11
N ASP B 187 12.60 -14.90 10.33
CA ASP B 187 13.85 -15.62 10.56
C ASP B 187 13.67 -17.12 10.76
N GLU B 188 12.44 -17.62 10.67
CA GLU B 188 12.17 -19.00 11.00
C GLU B 188 12.64 -19.92 9.88
N ASP B 189 13.09 -21.11 10.27
CA ASP B 189 13.43 -22.19 9.36
C ASP B 189 12.34 -23.24 9.46
N MET B 190 11.52 -23.34 8.42
CA MET B 190 10.39 -24.26 8.38
C MET B 190 10.63 -25.45 7.47
N ASN B 191 11.85 -25.61 6.94
CA ASN B 191 12.10 -26.64 5.94
C ASN B 191 11.63 -28.01 6.38
N GLU B 192 12.09 -28.47 7.54
CA GLU B 192 11.78 -29.83 7.95
C GLU B 192 10.30 -29.99 8.26
N HIS B 193 9.66 -28.97 8.83
CA HIS B 193 8.25 -29.07 9.17
C HIS B 193 7.38 -29.13 7.92
N ILE B 194 7.68 -28.31 6.92
CA ILE B 194 6.86 -28.31 5.70
C ILE B 194 7.06 -29.62 4.93
N LYS B 195 8.31 -30.11 4.87
CA LYS B 195 8.57 -31.35 4.14
C LYS B 195 7.91 -32.54 4.83
N ALA B 196 7.84 -32.54 6.16
CA ALA B 196 7.20 -33.66 6.86
C ALA B 196 5.71 -33.72 6.56
N LEU B 197 5.07 -32.59 6.29
CA LEU B 197 3.66 -32.57 5.92
C LEU B 197 3.41 -32.86 4.44
N SER B 198 4.46 -32.90 3.62
CA SER B 198 4.44 -33.11 2.17
C SER B 198 3.18 -32.52 1.52
N PRO B 199 3.00 -31.21 1.54
CA PRO B 199 1.87 -30.61 0.82
C PRO B 199 2.07 -30.68 -0.68
N VAL B 200 0.97 -30.51 -1.42
CA VAL B 200 1.04 -30.40 -2.87
C VAL B 200 1.40 -28.98 -3.30
N ARG B 201 1.30 -28.02 -2.39
CA ARG B 201 1.41 -26.60 -2.69
C ARG B 201 1.64 -25.90 -1.36
N TRP B 202 2.69 -25.07 -1.30
CA TRP B 202 2.96 -24.28 -0.10
C TRP B 202 3.05 -22.83 -0.54
N LYS B 203 2.00 -22.05 -0.27
CA LYS B 203 1.98 -20.65 -0.68
C LYS B 203 2.59 -19.80 0.43
N VAL B 204 3.51 -18.93 0.03
CA VAL B 204 4.32 -18.14 0.94
C VAL B 204 4.07 -16.67 0.58
N PHE B 205 3.26 -16.00 1.38
CA PHE B 205 2.82 -14.63 1.12
C PHE B 205 3.65 -13.64 1.92
N GLN B 206 4.15 -12.61 1.27
CA GLN B 206 4.62 -11.47 2.03
C GLN B 206 3.43 -10.75 2.66
N CYS B 207 3.52 -10.43 3.95
CA CYS B 207 2.43 -9.74 4.61
C CYS B 207 2.05 -8.49 3.84
N LEU B 208 0.76 -8.32 3.59
CA LEU B 208 0.23 -7.30 2.69
C LEU B 208 -0.65 -6.30 3.43
N LEU B 209 -0.40 -5.02 3.19
CA LEU B 209 -1.19 -3.93 3.75
C LEU B 209 -2.34 -3.58 2.82
N ILE B 210 -3.56 -3.56 3.34
N ILE B 210 -3.56 -3.55 3.34
CA ILE B 210 -4.76 -3.25 2.55
CA ILE B 210 -4.72 -3.17 2.53
C ILE B 210 -5.56 -2.20 3.31
C ILE B 210 -5.48 -2.03 3.18
N GLU B 211 -5.71 -1.02 2.71
CA GLU B 211 -6.41 0.07 3.40
C GLU B 211 -7.87 -0.28 3.63
N GLY B 212 -8.40 0.11 4.78
CA GLY B 212 -9.74 -0.22 5.18
C GLY B 212 -9.89 -1.61 5.76
N GLU B 213 -8.86 -2.45 5.70
CA GLU B 213 -8.88 -3.78 6.30
C GLU B 213 -7.89 -3.88 7.45
N ASN B 214 -6.59 -3.68 7.17
CA ASN B 214 -5.58 -3.73 8.22
C ASN B 214 -4.72 -2.46 8.23
N SER B 215 -5.22 -1.37 7.66
CA SER B 215 -4.49 -0.12 7.63
C SER B 215 -5.47 1.03 7.54
N GLY B 216 -5.17 2.13 8.24
CA GLY B 216 -6.00 3.33 8.22
C GLY B 216 -6.95 3.41 9.39
N ALA B 217 -7.71 4.52 9.42
CA ALA B 217 -8.59 4.84 10.53
C ALA B 217 -9.87 3.99 10.55
N ASP B 218 -10.30 3.46 9.41
CA ASP B 218 -11.54 2.71 9.37
C ASP B 218 -11.32 1.21 9.38
N ALA B 219 -10.23 0.74 9.99
CA ALA B 219 -9.80 -0.65 9.87
C ALA B 219 -9.88 -1.36 11.21
N LEU B 220 -10.27 -2.64 11.17
CA LEU B 220 -10.31 -3.44 12.39
C LEU B 220 -8.94 -3.92 12.82
N ARG B 221 -7.95 -3.89 11.93
CA ARG B 221 -6.60 -4.33 12.25
C ARG B 221 -5.60 -3.24 11.87
N ALA B 222 -4.39 -3.36 12.42
CA ALA B 222 -3.27 -2.47 12.11
C ALA B 222 -2.06 -3.36 11.81
N ALA B 223 -1.81 -3.63 10.53
CA ALA B 223 -0.79 -4.60 10.15
C ALA B 223 0.62 -4.01 10.08
N GLU B 224 0.78 -2.70 10.28
CA GLU B 224 2.08 -2.05 10.02
C GLU B 224 3.23 -2.72 10.76
N ARG B 225 3.01 -3.04 12.04
CA ARG B 225 4.07 -3.66 12.84
C ARG B 225 4.44 -5.06 12.37
N PHE B 226 3.68 -5.66 11.46
CA PHE B 226 3.97 -6.99 10.95
C PHE B 226 4.73 -6.97 9.63
N LEU B 227 4.89 -5.81 8.99
CA LEU B 227 5.40 -5.77 7.63
C LEU B 227 6.91 -6.01 7.59
N ILE B 228 7.37 -6.54 6.45
CA ILE B 228 8.78 -6.82 6.22
C ILE B 228 9.16 -6.24 4.86
N SER B 229 10.45 -5.97 4.68
CA SER B 229 10.92 -5.49 3.40
C SER B 229 10.95 -6.61 2.38
N ASN B 230 10.98 -6.22 1.10
CA ASN B 230 11.19 -7.20 0.05
C ASN B 230 12.47 -7.99 0.29
N GLU B 231 13.54 -7.31 0.72
CA GLU B 231 14.80 -7.98 0.96
C GLU B 231 14.67 -9.05 2.05
N GLU B 232 13.98 -8.73 3.16
CA GLU B 232 13.74 -9.73 4.19
C GLU B 232 12.90 -10.88 3.66
N PHE B 233 11.89 -10.57 2.85
CA PHE B 233 11.06 -11.63 2.29
C PHE B 233 11.90 -12.55 1.42
N GLU B 234 12.75 -11.98 0.56
CA GLU B 234 13.60 -12.79 -0.30
C GLU B 234 14.55 -13.66 0.52
N THR B 235 15.02 -13.15 1.66
CA THR B 235 15.89 -13.95 2.52
C THR B 235 15.16 -15.21 3.01
N PHE B 236 13.88 -15.08 3.38
CA PHE B 236 13.08 -16.24 3.76
C PHE B 236 12.95 -17.23 2.59
N LEU B 237 12.70 -16.72 1.38
CA LEU B 237 12.56 -17.61 0.23
C LEU B 237 13.84 -18.39 -0.03
N GLU B 238 14.99 -17.71 0.02
CA GLU B 238 16.24 -18.43 -0.23
C GLU B 238 16.49 -19.48 0.83
N ARG B 239 16.09 -19.22 2.07
CA ARG B 239 16.28 -20.20 3.13
C ARG B 239 15.47 -21.48 2.87
N HIS B 240 14.40 -21.39 2.09
CA HIS B 240 13.52 -22.52 1.85
C HIS B 240 13.52 -22.97 0.40
N LYS B 241 14.61 -22.68 -0.33
CA LYS B 241 14.70 -23.14 -1.72
C LYS B 241 14.50 -24.64 -1.86
N GLU B 242 14.88 -25.42 -0.84
CA GLU B 242 14.82 -26.87 -0.96
C GLU B 242 13.39 -27.41 -0.96
N VAL B 243 12.38 -26.61 -0.67
CA VAL B 243 11.00 -27.10 -0.59
C VAL B 243 10.41 -27.00 -1.99
N SER B 244 10.15 -28.16 -2.59
N SER B 244 10.19 -28.16 -2.62
CA SER B 244 9.78 -28.22 -4.00
CA SER B 244 9.77 -28.17 -4.02
C SER B 244 8.39 -27.69 -4.30
C SER B 244 8.46 -27.42 -4.23
N CYS B 245 7.52 -27.53 -3.30
CA CYS B 245 6.15 -27.08 -3.52
C CYS B 245 5.95 -25.61 -3.20
N LEU B 246 7.02 -24.87 -2.87
CA LEU B 246 6.95 -23.47 -2.48
C LEU B 246 6.50 -22.58 -3.64
N VAL B 247 5.45 -21.80 -3.40
CA VAL B 247 4.96 -20.81 -4.37
C VAL B 247 5.01 -19.44 -3.72
N PRO B 248 5.95 -18.59 -4.10
CA PRO B 248 6.13 -17.30 -3.41
C PRO B 248 5.26 -16.20 -4.01
N GLU B 249 4.84 -15.28 -3.14
CA GLU B 249 4.01 -14.15 -3.57
C GLU B 249 4.41 -12.92 -2.78
N SER B 250 5.35 -12.16 -3.34
CA SER B 250 5.61 -10.80 -2.83
C SER B 250 4.35 -9.95 -2.90
N ASN B 251 4.40 -8.76 -2.29
CA ASN B 251 3.28 -7.82 -2.38
C ASN B 251 2.89 -7.58 -3.83
N GLN B 252 3.88 -7.35 -4.70
N GLN B 252 3.87 -7.40 -4.70
CA GLN B 252 3.60 -7.08 -6.11
CA GLN B 252 3.60 -7.08 -6.10
C GLN B 252 2.88 -8.25 -6.76
C GLN B 252 2.95 -8.24 -6.83
N LYS B 253 3.27 -9.48 -6.42
CA LYS B 253 2.66 -10.65 -7.04
C LYS B 253 1.26 -10.93 -6.52
N MET B 254 0.90 -10.38 -5.36
CA MET B 254 -0.34 -10.74 -4.69
C MET B 254 -1.46 -9.71 -4.84
N LYS B 255 -1.13 -8.43 -4.99
N LYS B 255 -1.14 -8.42 -4.95
CA LYS B 255 -2.10 -7.37 -4.76
CA LYS B 255 -2.13 -7.38 -4.71
C LYS B 255 -3.26 -7.40 -5.75
C LYS B 255 -3.30 -7.44 -5.70
N ASP B 256 -2.97 -7.58 -7.04
N ASP B 256 -3.00 -7.60 -6.99
CA ASP B 256 -4.00 -7.48 -8.08
CA ASP B 256 -4.03 -7.50 -8.03
C ASP B 256 -4.15 -8.76 -8.89
C ASP B 256 -4.20 -8.77 -8.85
N SER B 257 -3.65 -9.89 -8.39
CA SER B 257 -3.60 -11.12 -9.17
C SER B 257 -4.68 -12.12 -8.77
N TYR B 258 -5.70 -11.68 -8.05
CA TYR B 258 -6.82 -12.52 -7.61
C TYR B 258 -8.13 -11.91 -8.09
N LEU B 259 -9.10 -12.77 -8.40
CA LEU B 259 -10.49 -12.36 -8.54
C LEU B 259 -11.18 -12.67 -7.22
N ILE B 260 -11.64 -11.64 -6.52
CA ILE B 260 -12.06 -11.74 -5.14
C ILE B 260 -13.51 -11.30 -5.05
N LEU B 261 -14.40 -12.25 -4.76
CA LEU B 261 -15.80 -11.89 -4.53
C LEU B 261 -16.05 -11.79 -3.03
N ASP B 262 -16.72 -10.73 -2.61
CA ASP B 262 -17.02 -10.53 -1.20
C ASP B 262 -18.35 -11.22 -0.84
N GLU B 263 -18.84 -10.99 0.38
CA GLU B 263 -19.96 -11.76 0.89
C GLU B 263 -21.27 -11.40 0.20
N TYR B 264 -21.27 -10.33 -0.59
CA TYR B 264 -22.38 -9.93 -1.43
C TYR B 264 -22.19 -10.37 -2.88
N MET B 265 -21.11 -11.11 -3.15
CA MET B 265 -20.70 -11.47 -4.51
C MET B 265 -20.48 -10.24 -5.37
N ARG B 266 -19.83 -9.24 -4.78
CA ARG B 266 -19.23 -8.13 -5.53
C ARG B 266 -17.74 -8.39 -5.70
N PHE B 267 -17.20 -8.02 -6.84
CA PHE B 267 -15.75 -8.12 -7.04
C PHE B 267 -15.07 -6.98 -6.30
N LEU B 268 -14.02 -7.30 -5.56
CA LEU B 268 -13.26 -6.29 -4.83
C LEU B 268 -12.09 -5.83 -5.68
N ASN B 269 -11.95 -4.51 -5.82
CA ASN B 269 -10.89 -3.91 -6.61
C ASN B 269 -9.77 -3.51 -5.66
N CYS B 270 -8.61 -4.12 -5.82
CA CYS B 270 -7.49 -3.86 -4.92
C CYS B 270 -6.42 -2.99 -5.56
N THR B 271 -6.62 -2.54 -6.81
CA THR B 271 -5.64 -1.65 -7.43
C THR B 271 -5.45 -0.36 -6.66
N GLY B 272 -6.43 0.04 -5.86
CA GLY B 272 -6.36 1.31 -5.16
C GLY B 272 -5.74 1.25 -3.79
N GLY B 273 -5.23 0.10 -3.37
CA GLY B 273 -4.80 -0.09 -2.00
C GLY B 273 -5.90 -0.43 -1.03
N ARG B 274 -7.17 -0.40 -1.46
N ARG B 274 -7.18 -0.37 -1.46
CA ARG B 274 -8.29 -0.77 -0.62
CA ARG B 274 -8.35 -0.70 -0.68
C ARG B 274 -8.94 -2.04 -1.19
C ARG B 274 -8.94 -2.02 -1.19
N LYS B 275 -10.21 -2.26 -0.85
CA LYS B 275 -11.00 -3.37 -1.39
C LYS B 275 -12.34 -2.78 -1.83
N ASP B 276 -12.30 -1.94 -2.88
CA ASP B 276 -13.50 -1.26 -3.36
C ASP B 276 -14.38 -2.24 -4.13
N PRO B 277 -15.72 -2.22 -3.90
CA PRO B 277 -16.57 -3.27 -4.48
C PRO B 277 -17.33 -2.85 -5.74
N SER B 278 -17.41 -3.77 -6.70
CA SER B 278 -18.33 -3.62 -7.83
C SER B 278 -19.77 -3.79 -7.36
N LYS B 279 -20.70 -3.70 -8.31
CA LYS B 279 -22.04 -4.19 -8.06
C LYS B 279 -22.03 -5.71 -8.01
N SER B 280 -23.04 -6.28 -7.37
CA SER B 280 -23.08 -7.73 -7.23
C SER B 280 -23.30 -8.37 -8.60
N ILE B 281 -22.61 -9.50 -8.82
CA ILE B 281 -22.90 -10.30 -10.01
C ILE B 281 -24.36 -10.75 -10.01
N LEU B 282 -24.97 -10.87 -8.84
CA LEU B 282 -26.37 -11.25 -8.76
C LEU B 282 -27.29 -10.17 -9.32
N ASP B 283 -26.81 -8.94 -9.49
CA ASP B 283 -27.63 -7.84 -9.96
C ASP B 283 -27.28 -7.38 -11.37
N VAL B 284 -25.99 -7.31 -11.71
CA VAL B 284 -25.59 -6.81 -13.02
C VAL B 284 -24.94 -7.88 -13.89
N GLY B 285 -24.70 -9.07 -13.36
CA GLY B 285 -24.05 -10.13 -14.10
C GLY B 285 -22.53 -10.04 -14.01
N VAL B 286 -21.88 -11.16 -14.39
CA VAL B 286 -20.43 -11.26 -14.23
C VAL B 286 -19.72 -10.24 -15.11
N GLU B 287 -20.08 -10.19 -16.39
CA GLU B 287 -19.33 -9.39 -17.35
C GLU B 287 -19.31 -7.92 -16.97
N GLU B 288 -20.43 -7.38 -16.50
CA GLU B 288 -20.44 -5.98 -16.10
C GLU B 288 -19.70 -5.77 -14.79
N ALA B 289 -19.89 -6.66 -13.82
CA ALA B 289 -19.27 -6.49 -12.51
C ALA B 289 -17.76 -6.68 -12.56
N ILE B 290 -17.28 -7.56 -13.45
CA ILE B 290 -15.86 -7.88 -13.43
C ILE B 290 -15.02 -6.76 -14.05
N LYS B 291 -15.63 -5.89 -14.86
CA LYS B 291 -14.91 -4.77 -15.45
C LYS B 291 -14.27 -3.88 -14.40
N PHE B 292 -14.78 -3.91 -13.17
CA PHE B 292 -14.30 -3.05 -12.11
C PHE B 292 -13.44 -3.80 -11.10
N SER B 293 -12.96 -4.99 -11.45
CA SER B 293 -12.21 -5.77 -10.47
C SER B 293 -10.78 -5.31 -10.31
N GLY B 294 -10.22 -4.62 -11.30
CA GLY B 294 -8.80 -4.32 -11.25
C GLY B 294 -7.89 -5.51 -11.47
N PHE B 295 -8.43 -6.63 -11.94
CA PHE B 295 -7.67 -7.87 -12.08
C PHE B 295 -6.54 -7.72 -13.09
N ASP B 296 -5.35 -8.21 -12.72
CA ASP B 296 -4.17 -8.25 -13.60
C ASP B 296 -3.92 -9.70 -14.01
N GLU B 297 -4.47 -10.08 -15.17
N GLU B 297 -4.48 -10.08 -15.17
CA GLU B 297 -4.36 -11.48 -15.58
CA GLU B 297 -4.38 -11.46 -15.62
C GLU B 297 -2.92 -11.88 -15.87
C GLU B 297 -2.92 -11.86 -15.86
N LYS B 298 -2.09 -10.93 -16.29
CA LYS B 298 -0.68 -11.26 -16.51
C LYS B 298 -0.02 -11.64 -15.20
N MET B 299 -0.33 -10.90 -14.13
CA MET B 299 0.26 -11.22 -12.83
C MET B 299 -0.31 -12.52 -12.25
N PHE B 300 -1.59 -12.78 -12.48
CA PHE B 300 -2.17 -14.07 -12.11
C PHE B 300 -1.36 -15.23 -12.68
N LEU B 301 -1.03 -15.14 -13.98
CA LEU B 301 -0.25 -16.21 -14.60
C LEU B 301 1.18 -16.22 -14.08
N LYS B 302 1.76 -15.04 -13.91
CA LYS B 302 3.16 -14.92 -13.49
C LYS B 302 3.39 -15.52 -12.11
N ARG B 303 2.43 -15.42 -11.19
CA ARG B 303 2.58 -15.98 -9.86
C ARG B 303 2.25 -17.47 -9.81
N GLY B 304 1.97 -18.11 -10.95
CA GLY B 304 1.61 -19.51 -10.95
C GLY B 304 0.16 -19.80 -10.64
N GLY B 305 -0.75 -18.86 -10.93
CA GLY B 305 -2.16 -19.04 -10.60
C GLY B 305 -2.86 -20.14 -11.38
N LYS B 306 -2.33 -20.55 -12.53
CA LYS B 306 -2.90 -21.66 -13.28
C LYS B 306 -1.97 -22.86 -13.11
N TYR B 307 -2.52 -23.96 -12.60
CA TYR B 307 -1.71 -25.14 -12.33
C TYR B 307 -2.61 -26.37 -12.34
N VAL B 308 -1.99 -27.54 -12.17
CA VAL B 308 -2.74 -28.79 -12.06
C VAL B 308 -3.49 -28.78 -10.74
N TRP B 309 -4.77 -28.42 -10.78
CA TRP B 309 -5.53 -28.13 -9.57
C TRP B 309 -6.68 -29.10 -9.33
N SER B 310 -6.78 -30.17 -10.11
CA SER B 310 -7.77 -31.22 -9.87
C SER B 310 -7.10 -32.40 -9.17
N LYS B 311 -7.68 -32.83 -8.03
CA LYS B 311 -6.99 -33.86 -7.26
C LYS B 311 -6.91 -35.19 -8.03
N ALA B 312 -7.83 -35.43 -8.96
CA ALA B 312 -7.75 -36.63 -9.77
C ALA B 312 -6.47 -36.69 -10.62
N ASP B 313 -5.81 -35.54 -10.84
CA ASP B 313 -4.54 -35.46 -11.57
C ASP B 313 -3.33 -35.39 -10.67
N LEU B 314 -3.52 -35.43 -9.35
CA LEU B 314 -2.45 -35.26 -8.37
C LEU B 314 -2.16 -36.59 -7.70
N LYS B 315 -0.98 -36.68 -7.09
CA LYS B 315 -0.61 -37.86 -6.30
C LYS B 315 -0.97 -37.61 -4.85
N LEU B 316 -1.85 -38.44 -4.30
CA LEU B 316 -2.50 -38.16 -3.02
C LEU B 316 -2.02 -39.00 -1.85
N ASP B 317 -1.46 -40.20 -2.10
CA ASP B 317 -1.14 -41.10 -1.00
C ASP B 317 0.19 -40.73 -0.34
N TRP B 318 1.16 -40.27 -1.11
CA TRP B 318 2.41 -39.76 -0.54
C TRP B 318 3.12 -38.81 -1.50
FE1 SF4 C . 16.22 13.37 0.02
FE2 SF4 C . 15.20 12.64 2.36
FE3 SF4 C . 14.10 11.77 0.10
FE4 SF4 C . 14.02 14.50 0.78
S1 SF4 C . 13.00 12.70 1.86
S2 SF4 C . 14.45 13.51 -1.32
S3 SF4 C . 15.98 14.70 1.90
S4 SF4 C . 16.14 11.21 0.79
N SAH D . 14.20 16.62 -0.46
CA SAH D . 13.09 17.51 -0.06
CB SAH D . 11.84 17.29 -0.94
CG SAH D . 11.66 15.83 -1.40
SD SAH D . 10.53 14.89 -0.32
C SAH D . 12.73 17.30 1.39
O SAH D . 13.12 16.33 2.00
OXT SAH D . 12.00 18.21 2.03
C5' SAH D . 9.05 15.96 -0.21
C4' SAH D . 8.38 15.78 1.16
O4' SAH D . 7.92 14.41 1.29
C3' SAH D . 9.34 16.04 2.35
O3' SAH D . 8.68 16.83 3.35
C2' SAH D . 9.63 14.61 2.89
O2' SAH D . 9.93 14.62 4.28
C1' SAH D . 8.28 13.92 2.59
N9 SAH D . 8.41 12.45 2.54
C8 SAH D . 9.47 11.72 2.05
N7 SAH D . 9.21 10.43 2.16
C5 SAH D . 7.98 10.31 2.74
C6 SAH D . 7.20 9.21 3.10
N6 SAH D . 7.67 7.91 2.88
N1 SAH D . 6.00 9.45 3.66
C2 SAH D . 5.55 10.68 3.87
N3 SAH D . 6.25 11.75 3.55
C4 SAH D . 7.45 11.58 2.97
CL CL E . 25.11 17.15 8.28
PA UTP F . 3.78 19.32 0.87
O1A UTP F . 2.46 18.69 1.49
O2A UTP F . 4.39 20.37 1.72
O3A UTP F . 3.42 19.94 -0.55
O5' UTP F . 4.87 18.18 0.55
PB UTP F . 2.65 21.27 -0.95
O1B UTP F . 3.52 22.45 -0.99
O2B UTP F . 1.92 21.02 -2.35
O3B UTP F . 1.58 21.38 0.21
PG UTP F . 0.58 22.57 0.57
O1G UTP F . 0.30 23.34 -0.67
O2G UTP F . -0.71 21.89 1.21
O3G UTP F . 1.31 23.43 1.68
C5' UTP F . 4.41 16.90 0.17
C4' UTP F . 5.38 16.43 -0.90
O4' UTP F . 5.24 15.00 -1.05
C1' UTP F . 5.01 14.71 -2.45
C2' UTP F . 4.22 15.93 -2.95
O2' UTP F . 4.29 16.01 -4.38
C3' UTP F . 4.99 17.06 -2.25
O3' UTP F . 6.18 17.39 -2.99
N1 UTP F . 4.18 13.51 -2.51
C6 UTP F . 2.94 13.52 -1.92
C2 UTP F . 4.65 12.40 -3.11
O2 UTP F . 5.75 12.46 -3.61
N3 UTP F . 3.91 11.28 -3.16
C4 UTP F . 2.68 11.27 -2.59
O4 UTP F . 1.98 10.27 -2.62
C5 UTP F . 2.17 12.43 -1.95
CL CL G . -2.22 33.64 -17.26
C1 B3P H . -5.86 39.03 -3.02
C2 B3P H . -4.75 39.25 -4.05
C3 B3P H . -6.83 40.21 -3.03
N1 B3P H . -7.42 40.41 -1.70
C4 B3P H . -8.89 40.33 -1.70
C5 B3P H . -9.37 38.92 -1.37
C6 B3P H . -9.39 41.27 -0.59
C7 B3P H . -9.44 40.81 -3.04
N2 B3P H . -3.89 38.04 -4.11
C8 B3P H . -2.91 38.16 -5.21
C9 B3P H . -2.15 36.83 -5.31
C10 B3P H . -1.95 39.31 -4.92
C11 B3P H . -3.64 38.43 -6.52
O1 B3P H . -1.02 36.99 -6.16
O2 B3P H . -1.30 39.06 -3.68
O3 B3P H . -4.53 37.33 -6.79
O4 B3P H . -8.83 37.92 -2.25
O5 B3P H . -8.61 42.46 -0.60
O6 B3P H . -10.45 39.89 -3.49
CL CL I . -5.16 13.06 9.10
FE1 SF4 J . -9.35 -15.19 10.56
FE2 SF4 J . -6.70 -15.00 10.69
FE3 SF4 J . -8.08 -13.31 9.22
FE4 SF4 J . -7.96 -16.00 8.51
S1 SF4 J . -6.22 -14.48 8.56
S2 SF4 J . -9.82 -14.55 8.50
S3 SF4 J . -7.87 -16.95 10.57
S4 SF4 J . -8.22 -13.46 11.46
N SAH K . -9.66 -17.63 7.60
CA SAH K . -9.03 -18.40 6.50
CB SAH K . -9.27 -17.72 5.15
CG SAH K . -9.29 -16.18 5.12
SD SAH K . -7.65 -15.43 4.94
C SAH K . -7.53 -18.56 6.77
O SAH K . -6.95 -17.88 7.55
OXT SAH K . -6.82 -19.51 6.15
C5' SAH K . -7.04 -16.05 3.34
C4' SAH K . -5.51 -16.20 3.27
O4' SAH K . -4.86 -14.90 3.29
C3' SAH K . -4.94 -16.98 4.48
O3' SAH K . -3.89 -17.84 4.01
C2' SAH K . -4.36 -15.86 5.38
O2' SAH K . -3.26 -16.30 6.15
C1' SAH K . -3.83 -14.87 4.30
N9 SAH K . -3.70 -13.50 4.84
C8 SAH K . -4.44 -12.86 5.79
N7 SAH K . -3.98 -11.64 5.95
C5 SAH K . -2.91 -11.46 5.12
C6 SAH K . -2.04 -10.40 4.85
N6 SAH K . -2.18 -9.21 5.55
N1 SAH K . -1.08 -10.59 3.93
C2 SAH K . -0.97 -11.73 3.28
N3 SAH K . -1.77 -12.76 3.50
C4 SAH K . -2.74 -12.66 4.40
PA UTP L . -4.62 -18.59 -1.91
O1A UTP L . -4.31 -20.05 -1.40
O2A UTP L . -3.48 -17.99 -2.63
O3A UTP L . -5.85 -18.63 -2.93
O5' UTP L . -5.09 -17.67 -0.68
PB UTP L . -6.17 -19.62 -4.14
O1B UTP L . -6.99 -18.94 -5.19
O2B UTP L . -6.82 -20.96 -3.60
O3B UTP L . -4.72 -19.90 -4.73
PG UTP L . -4.21 -20.92 -5.84
O1G UTP L . -3.75 -22.16 -5.11
O2G UTP L . -5.37 -21.21 -6.86
O3G UTP L . -2.99 -20.18 -6.53
C5' UTP L . -4.97 -16.25 -0.75
C4' UTP L . -6.28 -15.65 -0.21
O4' UTP L . -6.06 -14.24 -0.11
C1' UTP L . -7.19 -13.56 -0.71
C2' UTP L . -7.53 -14.43 -1.91
O2' UTP L . -8.86 -14.10 -2.39
C3' UTP L . -7.45 -15.82 -1.22
O3' UTP L . -8.67 -16.15 -0.54
N1 UTP L . -6.68 -12.24 -1.03
C6 UTP L . -5.62 -12.15 -1.91
C2 UTP L . -7.19 -11.13 -0.44
O2 UTP L . -8.11 -11.26 0.31
N3 UTP L . -6.70 -9.91 -0.73
C4 UTP L . -5.66 -9.80 -1.59
O4 UTP L . -5.19 -8.71 -1.86
C5 UTP L . -5.11 -10.95 -2.21
CL CL M . 7.80 -13.34 -5.05
#